data_4UZR
#
_entry.id   4UZR
#
_cell.length_a   62.779
_cell.length_b   184.169
_cell.length_c   172.142
_cell.angle_alpha   90.00
_cell.angle_beta   90.00
_cell.angle_gamma   90.00
#
_symmetry.space_group_name_H-M   'C 2 2 21'
#
_entity_poly.entity_id   1
_entity_poly.type   'polypeptide(L)'
_entity_poly.pdbx_seq_one_letter_code
;MSELKLKPLPKVELPPDFVDVIRIKLQGKTVRTGDVIGISILGKEVKFKVVQAYPSPLRVEDRTKITLVTHPVDVLEAKI
KGIKDVILDENLIVVITEENEVLIFNQNLEELYRGKFENLNKVLVRNDLVVIIDEQKLTLIRT
;
_entity_poly.pdbx_strand_id   A,B,C,D,E,F
#
# COMPACT_ATOMS: atom_id res chain seq x y z
N SER A 2 14.87 -2.62 -41.85
CA SER A 2 13.54 -2.26 -42.33
C SER A 2 12.51 -3.30 -41.87
N GLU A 3 11.63 -2.89 -40.97
CA GLU A 3 10.68 -3.83 -40.35
C GLU A 3 9.29 -3.22 -40.14
N LEU A 4 8.27 -3.98 -40.50
CA LEU A 4 6.88 -3.57 -40.26
C LEU A 4 6.14 -4.57 -39.39
N LYS A 5 5.55 -4.07 -38.31
CA LYS A 5 4.70 -4.87 -37.44
C LYS A 5 3.28 -4.35 -37.54
N LEU A 6 2.40 -5.19 -38.09
CA LEU A 6 1.04 -4.81 -38.45
C LEU A 6 -0.01 -5.70 -37.79
N LYS A 7 -1.24 -5.20 -37.75
CA LYS A 7 -2.38 -5.99 -37.29
C LYS A 7 -3.68 -5.42 -37.87
N PRO A 8 -4.63 -6.31 -38.21
CA PRO A 8 -5.92 -5.88 -38.75
C PRO A 8 -6.78 -5.25 -37.66
N LEU A 9 -7.61 -4.26 -38.02
CA LEU A 9 -8.48 -3.63 -37.03
C LEU A 9 -9.64 -4.54 -36.62
N PRO A 10 -10.41 -5.07 -37.60
CA PRO A 10 -11.32 -6.13 -37.16
C PRO A 10 -10.56 -7.45 -37.08
N LYS A 11 -10.70 -8.17 -35.98
CA LYS A 11 -9.97 -9.41 -35.79
C LYS A 11 -10.61 -10.54 -36.60
N VAL A 12 -10.47 -10.43 -37.92
CA VAL A 12 -11.05 -11.37 -38.86
C VAL A 12 -9.98 -12.38 -39.32
N GLU A 13 -10.43 -13.49 -39.89
CA GLU A 13 -9.51 -14.51 -40.39
C GLU A 13 -8.88 -14.12 -41.72
N LEU A 14 -7.58 -14.32 -41.84
CA LEU A 14 -6.85 -13.91 -43.03
C LEU A 14 -6.29 -15.11 -43.81
N PRO A 15 -6.24 -15.00 -45.14
CA PRO A 15 -5.49 -15.96 -45.94
C PRO A 15 -4.01 -15.79 -45.64
N PRO A 16 -3.23 -16.88 -45.65
CA PRO A 16 -1.84 -16.83 -45.21
C PRO A 16 -0.93 -16.01 -46.13
N ASP A 17 -1.37 -15.77 -47.37
CA ASP A 17 -0.57 -15.03 -48.34
C ASP A 17 -0.99 -13.56 -48.53
N PHE A 18 -1.78 -13.04 -47.60
CA PHE A 18 -2.27 -11.66 -47.67
C PHE A 18 -1.13 -10.62 -47.70
N VAL A 19 -0.03 -10.99 -47.07
CA VAL A 19 1.15 -10.12 -46.97
C VAL A 19 1.65 -9.70 -48.36
N ASP A 20 1.57 -10.59 -49.33
CA ASP A 20 1.92 -10.28 -50.71
C ASP A 20 1.07 -9.14 -51.29
N VAL A 21 -0.24 -9.25 -51.11
CA VAL A 21 -1.18 -8.22 -51.54
C VAL A 21 -0.85 -6.88 -50.87
N ILE A 22 -0.59 -6.94 -49.56
CA ILE A 22 -0.19 -5.74 -48.82
C ILE A 22 1.05 -5.11 -49.42
N ARG A 23 2.01 -5.97 -49.78
CA ARG A 23 3.27 -5.54 -50.37
C ARG A 23 3.01 -4.81 -51.68
N ILE A 24 2.13 -5.35 -52.50
CA ILE A 24 1.76 -4.69 -53.76
C ILE A 24 1.10 -3.34 -53.49
N LYS A 25 0.33 -3.25 -52.41
CA LYS A 25 -0.31 -1.98 -52.05
C LYS A 25 0.67 -0.91 -51.57
N LEU A 26 1.71 -1.33 -50.86
CA LEU A 26 2.61 -0.37 -50.22
C LEU A 26 3.92 -0.13 -50.98
N GLN A 27 4.05 -0.72 -52.17
CA GLN A 27 5.28 -0.59 -52.96
C GLN A 27 5.64 0.86 -53.27
N GLY A 28 6.71 1.35 -52.64
CA GLY A 28 7.22 2.68 -52.89
C GLY A 28 6.61 3.77 -52.04
N LYS A 29 5.67 3.40 -51.18
CA LYS A 29 4.99 4.34 -50.30
C LYS A 29 5.63 4.46 -48.92
N THR A 30 5.28 5.53 -48.21
CA THR A 30 5.83 5.80 -46.88
C THR A 30 4.89 5.37 -45.76
N VAL A 31 5.45 4.68 -44.77
CA VAL A 31 4.65 4.14 -43.66
C VAL A 31 5.24 4.58 -42.33
N ARG A 32 4.39 5.10 -41.45
CA ARG A 32 4.80 5.57 -40.13
C ARG A 32 4.13 4.76 -39.02
N THR A 33 4.70 4.80 -37.82
CA THR A 33 4.09 4.15 -36.66
C THR A 33 2.73 4.78 -36.34
N GLY A 34 1.71 3.94 -36.22
CA GLY A 34 0.37 4.42 -35.89
C GLY A 34 -0.53 4.57 -37.10
N ASP A 35 0.04 4.47 -38.29
CA ASP A 35 -0.72 4.61 -39.53
C ASP A 35 -1.79 3.54 -39.71
N VAL A 36 -2.85 3.89 -40.43
CA VAL A 36 -3.90 2.93 -40.76
C VAL A 36 -4.00 2.76 -42.27
N ILE A 37 -3.83 1.52 -42.72
CA ILE A 37 -3.76 1.23 -44.15
C ILE A 37 -4.84 0.24 -44.58
N GLY A 38 -5.68 0.65 -45.52
CA GLY A 38 -6.74 -0.21 -46.02
C GLY A 38 -6.27 -1.07 -47.17
N ILE A 39 -6.58 -2.37 -47.13
CA ILE A 39 -6.15 -3.29 -48.17
C ILE A 39 -7.25 -4.28 -48.56
N SER A 40 -7.47 -4.43 -49.86
CA SER A 40 -8.50 -5.35 -50.35
C SER A 40 -8.06 -6.80 -50.26
N ILE A 41 -8.83 -7.59 -49.51
CA ILE A 41 -8.60 -9.02 -49.40
C ILE A 41 -9.88 -9.77 -49.75
N LEU A 42 -9.80 -10.67 -50.72
CA LEU A 42 -10.93 -11.46 -51.19
C LEU A 42 -12.15 -10.60 -51.57
N GLY A 43 -11.90 -9.36 -51.97
CA GLY A 43 -12.96 -8.47 -52.40
C GLY A 43 -13.52 -7.58 -51.32
N LYS A 44 -12.96 -7.66 -50.11
CA LYS A 44 -13.42 -6.83 -49.00
C LYS A 44 -12.26 -6.05 -48.39
N GLU A 45 -12.50 -4.77 -48.09
CA GLU A 45 -11.47 -3.94 -47.50
C GLU A 45 -11.21 -4.29 -46.04
N VAL A 46 -9.93 -4.41 -45.69
CA VAL A 46 -9.52 -4.67 -44.32
C VAL A 46 -8.49 -3.64 -43.89
N LYS A 47 -8.76 -2.98 -42.75
CA LYS A 47 -7.86 -1.95 -42.24
C LYS A 47 -6.77 -2.55 -41.36
N PHE A 48 -5.55 -2.08 -41.52
CA PHE A 48 -4.41 -2.58 -40.76
C PHE A 48 -3.71 -1.44 -40.03
N LYS A 49 -3.50 -1.62 -38.73
CA LYS A 49 -2.76 -0.64 -37.95
C LYS A 49 -1.28 -0.99 -37.94
N VAL A 50 -0.44 0.00 -38.17
CA VAL A 50 1.00 -0.20 -38.09
C VAL A 50 1.42 -0.16 -36.63
N VAL A 51 1.43 -1.32 -36.00
CA VAL A 51 1.80 -1.45 -34.59
C VAL A 51 3.17 -0.85 -34.36
N GLN A 52 4.11 -1.16 -35.26
CA GLN A 52 5.42 -0.55 -35.18
C GLN A 52 6.12 -0.49 -36.53
N ALA A 53 6.80 0.62 -36.79
CA ALA A 53 7.62 0.73 -37.99
C ALA A 53 9.05 1.01 -37.55
N TYR A 54 9.97 0.11 -37.91
CA TYR A 54 11.36 0.29 -37.53
C TYR A 54 12.27 0.36 -38.74
N PRO A 55 12.79 1.57 -39.03
CA PRO A 55 12.51 2.78 -38.25
C PRO A 55 11.23 3.48 -38.73
N SER A 56 10.90 4.60 -38.10
CA SER A 56 9.72 5.38 -38.50
C SER A 56 10.08 6.86 -38.58
N PRO A 57 9.85 7.48 -39.76
CA PRO A 57 9.20 6.91 -40.95
C PRO A 57 10.10 6.00 -41.76
N LEU A 58 9.49 5.22 -42.66
CA LEU A 58 10.23 4.28 -43.49
C LEU A 58 9.64 4.17 -44.90
N ARG A 59 10.49 3.94 -45.89
CA ARG A 59 10.02 3.73 -47.26
C ARG A 59 10.05 2.25 -47.60
N VAL A 60 8.89 1.71 -47.94
CA VAL A 60 8.75 0.27 -48.19
C VAL A 60 9.50 -0.23 -49.42
N GLU A 61 10.39 -1.18 -49.21
CA GLU A 61 11.11 -1.82 -50.30
C GLU A 61 10.78 -3.32 -50.33
N ASP A 62 11.48 -4.06 -51.19
CA ASP A 62 11.29 -5.51 -51.29
C ASP A 62 11.94 -6.21 -50.10
N ARG A 63 12.90 -5.52 -49.49
CA ARG A 63 13.68 -6.05 -48.38
C ARG A 63 13.09 -5.67 -47.01
N THR A 64 11.90 -5.09 -47.03
CA THR A 64 11.21 -4.74 -45.79
C THR A 64 10.59 -5.97 -45.15
N LYS A 65 10.97 -6.24 -43.90
CA LYS A 65 10.42 -7.38 -43.18
C LYS A 65 9.04 -7.06 -42.62
N ILE A 66 8.08 -7.94 -42.90
CA ILE A 66 6.70 -7.74 -42.43
C ILE A 66 6.26 -8.84 -41.47
N THR A 67 5.76 -8.42 -40.31
CA THR A 67 5.37 -9.34 -39.24
C THR A 67 3.90 -9.14 -38.86
N LEU A 68 3.17 -10.24 -38.73
CA LEU A 68 1.79 -10.17 -38.24
C LEU A 68 1.78 -10.19 -36.72
N VAL A 69 1.13 -9.19 -36.14
CA VAL A 69 1.02 -9.03 -34.69
C VAL A 69 -0.43 -9.26 -34.24
N THR A 70 -0.62 -9.93 -33.11
CA THR A 70 -1.95 -10.20 -32.61
C THR A 70 -2.30 -9.29 -31.44
N HIS A 71 -1.43 -9.23 -30.44
CA HIS A 71 -1.63 -8.40 -29.25
C HIS A 71 -1.69 -6.89 -29.54
N PRO A 72 -2.56 -6.18 -28.82
CA PRO A 72 -2.91 -4.77 -29.07
C PRO A 72 -1.95 -3.76 -28.46
N VAL A 73 -0.65 -3.97 -28.62
CA VAL A 73 0.37 -3.05 -28.13
C VAL A 73 0.44 -1.73 -28.93
N ASP A 74 0.54 -0.61 -28.23
CA ASP A 74 0.77 0.69 -28.84
C ASP A 74 2.06 1.34 -28.37
N VAL A 75 2.76 2.00 -29.28
CA VAL A 75 4.02 2.66 -28.96
C VAL A 75 3.95 4.16 -29.24
N LEU A 76 4.08 4.96 -28.20
CA LEU A 76 4.00 6.41 -28.31
C LEU A 76 5.36 7.04 -27.95
N GLU A 77 5.70 8.13 -28.62
CA GLU A 77 6.99 8.78 -28.41
C GLU A 77 6.87 10.30 -28.29
N ALA A 78 7.73 10.89 -27.47
CA ALA A 78 7.81 12.33 -27.34
C ALA A 78 9.26 12.78 -27.34
N LYS A 79 9.67 13.50 -28.38
CA LYS A 79 11.04 13.98 -28.49
C LYS A 79 11.29 15.10 -27.48
N ILE A 80 12.16 14.83 -26.51
CA ILE A 80 12.51 15.82 -25.50
C ILE A 80 14.02 15.80 -25.28
N LYS A 81 14.68 16.92 -25.55
CA LYS A 81 16.13 16.99 -25.47
C LYS A 81 16.62 17.02 -24.02
N GLY A 82 17.49 16.08 -23.69
CA GLY A 82 18.13 16.04 -22.39
C GLY A 82 17.18 15.84 -21.22
N ILE A 83 16.60 14.65 -21.14
CA ILE A 83 15.71 14.34 -20.03
C ILE A 83 16.52 13.93 -18.79
N LYS A 84 16.42 14.76 -17.75
CA LYS A 84 17.18 14.54 -16.52
C LYS A 84 16.54 13.50 -15.62
N ASP A 85 15.22 13.54 -15.50
CA ASP A 85 14.51 12.61 -14.63
C ASP A 85 13.04 12.53 -15.00
N VAL A 86 12.41 11.40 -14.69
CA VAL A 86 11.00 11.19 -15.00
C VAL A 86 10.28 10.57 -13.81
N ILE A 87 9.12 11.12 -13.49
CA ILE A 87 8.30 10.59 -12.41
C ILE A 87 7.00 10.04 -12.98
N LEU A 88 6.69 8.79 -12.64
CA LEU A 88 5.51 8.12 -13.16
C LEU A 88 4.52 7.82 -12.04
N ASP A 89 3.35 8.44 -12.11
CA ASP A 89 2.31 8.23 -11.10
C ASP A 89 1.04 7.70 -11.76
N GLU A 90 -0.08 7.80 -11.06
CA GLU A 90 -1.36 7.29 -11.56
C GLU A 90 -1.86 8.13 -12.73
N ASN A 91 -1.63 7.62 -13.93
CA ASN A 91 -2.05 8.30 -15.17
C ASN A 91 -1.40 9.67 -15.34
N LEU A 92 -0.23 9.84 -14.73
CA LEU A 92 0.55 11.07 -14.87
C LEU A 92 2.00 10.74 -15.16
N ILE A 93 2.55 11.38 -16.19
CA ILE A 93 3.96 11.25 -16.50
C ILE A 93 4.62 12.63 -16.38
N VAL A 94 5.55 12.76 -15.45
CA VAL A 94 6.19 14.04 -15.19
C VAL A 94 7.66 14.00 -15.61
N VAL A 95 8.05 14.93 -16.47
CA VAL A 95 9.41 14.98 -17.03
C VAL A 95 10.13 16.26 -16.63
N ILE A 96 11.38 16.12 -16.20
CA ILE A 96 12.22 17.25 -15.86
C ILE A 96 13.47 17.24 -16.75
N THR A 97 13.77 18.37 -17.39
CA THR A 97 14.90 18.42 -18.32
C THR A 97 16.16 19.00 -17.70
N GLU A 98 17.22 19.04 -18.49
CA GLU A 98 18.52 19.52 -18.03
C GLU A 98 18.49 20.99 -17.66
N GLU A 99 17.73 21.78 -18.41
CA GLU A 99 17.64 23.22 -18.16
C GLU A 99 16.43 23.58 -17.30
N ASN A 100 16.05 22.66 -16.42
CA ASN A 100 14.97 22.88 -15.46
C ASN A 100 13.62 23.20 -16.09
N GLU A 101 13.28 22.46 -17.13
CA GLU A 101 11.97 22.52 -17.75
C GLU A 101 11.13 21.36 -17.20
N VAL A 102 9.87 21.64 -16.85
CA VAL A 102 8.97 20.61 -16.38
C VAL A 102 7.79 20.43 -17.33
N LEU A 103 7.59 19.19 -17.78
CA LEU A 103 6.50 18.86 -18.68
C LEU A 103 5.63 17.76 -18.09
N ILE A 104 4.32 17.96 -18.16
CA ILE A 104 3.37 17.01 -17.61
C ILE A 104 2.45 16.43 -18.68
N PHE A 105 2.46 15.10 -18.76
CA PHE A 105 1.67 14.33 -19.72
C PHE A 105 0.68 13.43 -18.98
N ASN A 106 -0.37 13.01 -19.67
CA ASN A 106 -1.25 11.96 -19.16
C ASN A 106 -0.86 10.59 -19.71
N GLN A 107 -1.73 9.59 -19.49
CA GLN A 107 -1.42 8.23 -19.88
C GLN A 107 -1.48 8.00 -21.40
N ASN A 108 -1.97 9.00 -22.14
CA ASN A 108 -1.99 8.93 -23.59
C ASN A 108 -0.84 9.70 -24.22
N LEU A 109 0.11 10.12 -23.38
CA LEU A 109 1.24 10.94 -23.78
C LEU A 109 0.80 12.24 -24.44
N GLU A 110 -0.36 12.74 -24.01
CA GLU A 110 -0.84 14.04 -24.44
C GLU A 110 -0.31 15.09 -23.46
N GLU A 111 0.23 16.17 -24.00
CA GLU A 111 0.84 17.20 -23.16
C GLU A 111 -0.23 17.95 -22.37
N LEU A 112 -0.11 17.92 -21.05
CA LEU A 112 -1.02 18.65 -20.18
C LEU A 112 -0.41 19.98 -19.78
N TYR A 113 0.92 20.00 -19.63
CA TYR A 113 1.59 21.23 -19.20
C TYR A 113 3.05 21.31 -19.61
N ARG A 114 3.52 22.53 -19.85
CA ARG A 114 4.93 22.80 -20.07
C ARG A 114 5.30 24.10 -19.36
N GLY A 115 6.38 24.05 -18.57
CA GLY A 115 6.79 25.22 -17.82
C GLY A 115 8.29 25.28 -17.61
N LYS A 116 8.81 26.49 -17.46
CA LYS A 116 10.23 26.69 -17.21
C LYS A 116 10.46 27.34 -15.85
N PHE A 117 11.46 26.85 -15.13
CA PHE A 117 11.76 27.34 -13.79
C PHE A 117 13.26 27.61 -13.64
N GLU A 118 13.61 28.86 -13.36
CA GLU A 118 15.02 29.26 -13.23
C GLU A 118 15.78 28.37 -12.27
N ASN A 119 15.50 28.53 -10.97
CA ASN A 119 16.00 27.60 -9.98
C ASN A 119 15.05 26.43 -9.88
N LEU A 120 15.54 25.30 -9.37
CA LEU A 120 14.72 24.10 -9.26
C LEU A 120 15.30 23.15 -8.23
N ASN A 121 14.65 23.12 -7.07
CA ASN A 121 15.09 22.27 -5.98
C ASN A 121 14.51 20.87 -6.11
N LYS A 122 13.19 20.75 -5.97
CA LYS A 122 12.54 19.46 -5.98
C LYS A 122 11.21 19.46 -6.75
N VAL A 123 10.79 18.27 -7.18
CA VAL A 123 9.48 18.09 -7.81
C VAL A 123 8.76 16.89 -7.18
N LEU A 124 7.59 17.15 -6.61
CA LEU A 124 6.81 16.12 -5.94
C LEU A 124 5.55 15.79 -6.71
N VAL A 125 5.15 14.52 -6.71
CA VAL A 125 3.96 14.09 -7.42
C VAL A 125 3.11 13.16 -6.55
N ARG A 126 1.82 13.46 -6.48
CA ARG A 126 0.85 12.61 -5.78
C ARG A 126 -0.56 12.80 -6.33
N ASN A 127 -1.10 11.74 -6.93
CA ASN A 127 -2.42 11.76 -7.53
C ASN A 127 -2.57 12.80 -8.65
N ASP A 128 -3.35 13.84 -8.37
CA ASP A 128 -3.63 14.88 -9.36
C ASP A 128 -2.71 16.10 -9.16
N LEU A 129 -1.88 16.05 -8.13
CA LEU A 129 -1.09 17.21 -7.74
C LEU A 129 0.37 17.10 -8.13
N VAL A 130 0.91 18.18 -8.70
CA VAL A 130 2.33 18.29 -8.97
C VAL A 130 2.88 19.53 -8.27
N VAL A 131 3.80 19.32 -7.33
CA VAL A 131 4.37 20.41 -6.56
C VAL A 131 5.80 20.70 -7.01
N ILE A 132 6.07 21.96 -7.34
CA ILE A 132 7.39 22.34 -7.81
C ILE A 132 8.05 23.34 -6.86
N ILE A 133 9.23 22.96 -6.36
CA ILE A 133 9.94 23.75 -5.36
C ILE A 133 11.26 24.26 -5.91
N ASP A 134 11.40 25.58 -5.92
CA ASP A 134 12.66 26.24 -6.27
C ASP A 134 13.20 27.03 -5.08
N GLU A 135 14.05 28.00 -5.36
CA GLU A 135 14.68 28.79 -4.31
C GLU A 135 13.84 30.01 -3.93
N GLN A 136 12.90 30.37 -4.78
CA GLN A 136 12.09 31.56 -4.56
C GLN A 136 10.65 31.23 -4.12
N LYS A 137 9.92 30.51 -4.96
CA LYS A 137 8.51 30.25 -4.70
C LYS A 137 8.11 28.78 -4.79
N LEU A 138 6.87 28.51 -4.40
CA LEU A 138 6.29 27.17 -4.50
C LEU A 138 5.20 27.20 -5.56
N THR A 139 5.28 26.28 -6.51
CA THR A 139 4.31 26.25 -7.59
C THR A 139 3.44 25.00 -7.56
N LEU A 140 2.12 25.18 -7.45
CA LEU A 140 1.21 24.06 -7.44
C LEU A 140 0.50 23.90 -8.78
N ILE A 141 0.63 22.71 -9.36
CA ILE A 141 -0.03 22.37 -10.62
C ILE A 141 -1.08 21.30 -10.39
N ARG A 142 -2.34 21.66 -10.62
CA ARG A 142 -3.46 20.75 -10.36
C ARG A 142 -3.97 20.13 -11.66
N THR A 143 -3.84 18.81 -11.76
CA THR A 143 -4.27 18.06 -12.94
C THR A 143 -5.75 17.69 -12.86
N SER B 2 10.05 -33.91 26.53
CA SER B 2 8.88 -34.61 26.03
C SER B 2 7.62 -33.78 26.24
N GLU B 3 7.04 -33.31 25.15
CA GLU B 3 5.91 -32.38 25.23
C GLU B 3 4.86 -32.65 24.16
N LEU B 4 3.59 -32.70 24.58
CA LEU B 4 2.47 -32.87 23.66
C LEU B 4 1.46 -31.73 23.76
N LYS B 5 1.18 -31.11 22.62
CA LYS B 5 0.12 -30.12 22.52
C LYS B 5 -0.95 -30.67 21.58
N LEU B 6 -2.13 -30.91 22.15
CA LEU B 6 -3.23 -31.56 21.46
C LEU B 6 -4.48 -30.68 21.48
N LYS B 7 -5.42 -30.97 20.59
CA LYS B 7 -6.73 -30.33 20.60
C LYS B 7 -7.74 -31.20 19.88
N PRO B 8 -8.98 -31.25 20.38
CA PRO B 8 -10.00 -32.12 19.78
C PRO B 8 -10.47 -31.58 18.44
N LEU B 9 -10.77 -32.47 17.49
CA LEU B 9 -11.29 -32.03 16.21
C LEU B 9 -12.75 -31.61 16.34
N PRO B 10 -13.62 -32.47 16.89
CA PRO B 10 -14.91 -31.86 17.22
C PRO B 10 -14.78 -31.08 18.51
N LYS B 11 -15.26 -29.83 18.51
CA LYS B 11 -15.11 -28.97 19.69
C LYS B 11 -16.14 -29.31 20.76
N VAL B 12 -15.98 -30.46 21.38
CA VAL B 12 -16.91 -30.95 22.38
C VAL B 12 -16.39 -30.65 23.78
N GLU B 13 -17.30 -30.70 24.76
CA GLU B 13 -16.93 -30.50 26.15
C GLU B 13 -16.29 -31.76 26.71
N LEU B 14 -15.20 -31.59 27.44
CA LEU B 14 -14.44 -32.72 27.97
C LEU B 14 -14.52 -32.75 29.49
N PRO B 15 -14.50 -33.97 30.07
CA PRO B 15 -14.30 -34.08 31.52
C PRO B 15 -12.88 -33.63 31.82
N PRO B 16 -12.66 -32.96 32.96
CA PRO B 16 -11.37 -32.33 33.23
C PRO B 16 -10.20 -33.32 33.42
N ASP B 17 -10.50 -34.58 33.70
CA ASP B 17 -9.46 -35.57 33.93
C ASP B 17 -9.22 -36.44 32.70
N PHE B 18 -9.68 -35.98 31.55
CA PHE B 18 -9.55 -36.72 30.29
C PHE B 18 -8.08 -36.98 29.94
N VAL B 19 -7.21 -36.10 30.42
CA VAL B 19 -5.77 -36.22 30.20
C VAL B 19 -5.23 -37.55 30.74
N ASP B 20 -5.77 -37.99 31.87
CA ASP B 20 -5.42 -39.31 32.44
C ASP B 20 -5.77 -40.45 31.47
N VAL B 21 -6.98 -40.39 30.94
CA VAL B 21 -7.46 -41.35 29.95
C VAL B 21 -6.55 -41.37 28.73
N ILE B 22 -6.20 -40.19 28.24
CA ILE B 22 -5.29 -40.05 27.10
C ILE B 22 -3.91 -40.64 27.42
N ARG B 23 -3.40 -40.35 28.61
CA ARG B 23 -2.09 -40.85 29.03
C ARG B 23 -2.03 -42.37 29.09
N ILE B 24 -3.02 -42.98 29.73
CA ILE B 24 -3.07 -44.43 29.81
C ILE B 24 -3.30 -45.06 28.42
N LYS B 25 -4.07 -44.37 27.59
CA LYS B 25 -4.32 -44.86 26.23
C LYS B 25 -3.08 -44.83 25.33
N LEU B 26 -2.26 -43.79 25.50
CA LEU B 26 -1.13 -43.53 24.61
C LEU B 26 0.20 -43.96 25.21
N GLN B 27 0.15 -44.58 26.39
CA GLN B 27 1.35 -45.02 27.07
C GLN B 27 2.20 -45.97 26.23
N GLY B 28 3.40 -45.52 25.87
CA GLY B 28 4.35 -46.34 25.15
C GLY B 28 4.21 -46.26 23.64
N LYS B 29 3.27 -45.45 23.17
CA LYS B 29 3.05 -45.31 21.74
C LYS B 29 3.89 -44.17 21.15
N THR B 30 4.10 -44.21 19.84
CA THR B 30 4.91 -43.20 19.16
C THR B 30 4.01 -42.16 18.51
N VAL B 31 4.32 -40.89 18.74
CA VAL B 31 3.48 -39.79 18.25
C VAL B 31 4.30 -38.72 17.53
N ARG B 32 3.84 -38.30 16.35
CA ARG B 32 4.47 -37.22 15.61
C ARG B 32 3.56 -36.01 15.47
N THR B 33 4.16 -34.85 15.18
CA THR B 33 3.40 -33.64 14.91
C THR B 33 2.49 -33.82 13.70
N GLY B 34 1.21 -33.49 13.87
CA GLY B 34 0.26 -33.58 12.79
C GLY B 34 -0.61 -34.82 12.83
N ASP B 35 -0.24 -35.78 13.67
CA ASP B 35 -0.99 -37.03 13.78
C ASP B 35 -2.41 -36.80 14.30
N VAL B 36 -3.33 -37.68 13.88
CA VAL B 36 -4.69 -37.63 14.38
C VAL B 36 -5.01 -38.94 15.09
N ILE B 37 -5.34 -38.84 16.37
CA ILE B 37 -5.51 -40.01 17.22
C ILE B 37 -6.90 -40.05 17.85
N GLY B 38 -7.62 -41.14 17.62
CA GLY B 38 -8.95 -41.31 18.18
C GLY B 38 -8.89 -41.93 19.55
N ILE B 39 -9.62 -41.35 20.50
CA ILE B 39 -9.61 -41.84 21.87
C ILE B 39 -11.03 -41.87 22.42
N SER B 40 -11.41 -42.99 23.04
CA SER B 40 -12.75 -43.14 23.58
C SER B 40 -12.94 -42.37 24.88
N ILE B 41 -13.87 -41.44 24.87
CA ILE B 41 -14.23 -40.66 26.05
C ILE B 41 -15.74 -40.74 26.27
N LEU B 42 -16.14 -41.14 27.48
CA LEU B 42 -17.55 -41.26 27.85
C LEU B 42 -18.36 -42.13 26.90
N GLY B 43 -17.71 -43.09 26.25
CA GLY B 43 -18.39 -44.01 25.37
C GLY B 43 -18.42 -43.59 23.91
N LYS B 44 -17.81 -42.45 23.61
CA LYS B 44 -17.77 -41.95 22.23
C LYS B 44 -16.33 -41.70 21.79
N GLU B 45 -16.01 -42.07 20.56
CA GLU B 45 -14.66 -41.81 20.06
C GLU B 45 -14.51 -40.32 19.75
N VAL B 46 -13.42 -39.75 20.24
CA VAL B 46 -13.13 -38.34 19.99
C VAL B 46 -11.75 -38.24 19.37
N LYS B 47 -11.66 -37.58 18.22
CA LYS B 47 -10.39 -37.44 17.53
C LYS B 47 -9.60 -36.24 18.02
N PHE B 48 -8.30 -36.42 18.21
CA PHE B 48 -7.43 -35.37 18.70
C PHE B 48 -6.30 -35.15 17.71
N LYS B 49 -6.08 -33.91 17.32
CA LYS B 49 -4.96 -33.60 16.43
C LYS B 49 -3.75 -33.24 17.29
N VAL B 50 -2.60 -33.82 16.95
CA VAL B 50 -1.38 -33.49 17.66
C VAL B 50 -0.84 -32.18 17.10
N VAL B 51 -1.25 -31.08 17.73
CA VAL B 51 -0.85 -29.75 17.29
C VAL B 51 0.67 -29.63 17.27
N GLN B 52 1.32 -30.10 18.32
CA GLN B 52 2.78 -30.11 18.33
C GLN B 52 3.37 -31.17 19.25
N ALA B 53 4.41 -31.85 18.79
CA ALA B 53 5.13 -32.81 19.62
C ALA B 53 6.59 -32.41 19.68
N TYR B 54 7.08 -32.13 20.88
CA TYR B 54 8.48 -31.72 21.05
C TYR B 54 9.23 -32.69 21.96
N PRO B 55 10.12 -33.50 21.37
CA PRO B 55 10.43 -33.47 19.95
C PRO B 55 9.48 -34.33 19.13
N SER B 56 9.69 -34.38 17.82
CA SER B 56 8.87 -35.22 16.95
C SER B 56 9.80 -35.99 16.01
N PRO B 57 9.72 -37.33 16.03
CA PRO B 57 8.76 -38.14 16.79
C PRO B 57 9.08 -38.24 18.28
N LEU B 58 8.11 -38.68 19.06
CA LEU B 58 8.26 -38.82 20.50
C LEU B 58 7.52 -40.06 21.02
N ARG B 59 8.09 -40.69 22.04
CA ARG B 59 7.42 -41.82 22.69
C ARG B 59 6.85 -41.38 24.03
N VAL B 60 5.54 -41.53 24.17
CA VAL B 60 4.84 -41.04 25.36
C VAL B 60 5.27 -41.76 26.63
N GLU B 61 5.75 -40.99 27.60
CA GLU B 61 6.12 -41.52 28.90
C GLU B 61 5.24 -40.93 29.98
N ASP B 62 5.54 -41.23 31.23
CA ASP B 62 4.80 -40.68 32.36
C ASP B 62 5.16 -39.21 32.60
N ARG B 63 6.37 -38.82 32.21
CA ARG B 63 6.83 -37.46 32.48
C ARG B 63 6.63 -36.54 31.28
N THR B 64 5.87 -37.02 30.30
CA THR B 64 5.53 -36.23 29.12
C THR B 64 4.47 -35.18 29.45
N LYS B 65 4.76 -33.92 29.16
CA LYS B 65 3.79 -32.85 29.41
C LYS B 65 2.72 -32.81 28.33
N ILE B 66 1.46 -32.81 28.75
CA ILE B 66 0.34 -32.76 27.82
C ILE B 66 -0.48 -31.48 28.01
N THR B 67 -0.70 -30.76 26.91
CA THR B 67 -1.37 -29.46 26.95
C THR B 67 -2.63 -29.43 26.09
N LEU B 68 -3.72 -28.90 26.65
CA LEU B 68 -4.95 -28.69 25.89
C LEU B 68 -4.92 -27.33 25.18
N VAL B 69 -5.17 -27.35 23.88
CA VAL B 69 -5.15 -26.13 23.10
C VAL B 69 -6.56 -25.73 22.65
N THR B 70 -6.93 -24.48 22.88
CA THR B 70 -8.24 -23.99 22.49
C THR B 70 -8.19 -22.91 21.41
N HIS B 71 -7.47 -23.20 20.33
CA HIS B 71 -7.38 -22.29 19.18
C HIS B 71 -6.96 -23.06 17.93
N PRO B 72 -7.38 -22.60 16.74
CA PRO B 72 -7.20 -23.39 15.53
C PRO B 72 -5.79 -23.27 14.93
N VAL B 73 -4.77 -23.35 15.78
CA VAL B 73 -3.39 -23.30 15.32
C VAL B 73 -2.99 -24.56 14.56
N ASP B 74 -2.33 -24.37 13.43
CA ASP B 74 -1.75 -25.49 12.70
C ASP B 74 -0.24 -25.28 12.61
N VAL B 75 0.51 -26.36 12.77
CA VAL B 75 1.96 -26.30 12.70
C VAL B 75 2.44 -27.20 11.57
N LEU B 76 3.03 -26.58 10.55
CA LEU B 76 3.47 -27.32 9.38
C LEU B 76 4.99 -27.24 9.23
N GLU B 77 5.58 -28.32 8.71
CA GLU B 77 7.03 -28.39 8.56
C GLU B 77 7.44 -28.93 7.20
N ALA B 78 8.54 -28.43 6.68
CA ALA B 78 9.13 -28.95 5.46
C ALA B 78 10.64 -29.09 5.64
N LYS B 79 11.11 -30.32 5.68
CA LYS B 79 12.54 -30.57 5.85
C LYS B 79 13.28 -30.22 4.55
N ILE B 80 14.09 -29.17 4.61
CA ILE B 80 14.85 -28.71 3.46
C ILE B 80 16.28 -28.38 3.86
N LYS B 81 17.24 -29.05 3.22
CA LYS B 81 18.64 -28.91 3.57
C LYS B 81 19.24 -27.59 3.10
N GLY B 82 19.80 -26.83 4.04
CA GLY B 82 20.52 -25.60 3.73
C GLY B 82 19.67 -24.51 3.09
N ILE B 83 18.75 -23.95 3.86
CA ILE B 83 17.91 -22.86 3.36
C ILE B 83 18.65 -21.53 3.41
N LYS B 84 18.91 -20.96 2.24
CA LYS B 84 19.64 -19.71 2.13
C LYS B 84 18.75 -18.49 2.36
N ASP B 85 17.54 -18.51 1.79
CA ASP B 85 16.62 -17.40 1.92
C ASP B 85 15.19 -17.81 1.61
N VAL B 86 14.23 -17.06 2.14
CA VAL B 86 12.82 -17.35 1.96
C VAL B 86 12.04 -16.06 1.65
N ILE B 87 11.16 -16.13 0.65
CA ILE B 87 10.31 -15.00 0.30
C ILE B 87 8.85 -15.30 0.57
N LEU B 88 8.19 -14.40 1.28
CA LEU B 88 6.80 -14.58 1.67
C LEU B 88 5.92 -13.52 1.01
N ASP B 89 5.03 -13.97 0.13
CA ASP B 89 4.13 -13.07 -0.58
C ASP B 89 2.68 -13.49 -0.36
N GLU B 90 1.77 -12.99 -1.18
CA GLU B 90 0.35 -13.29 -1.05
C GLU B 90 0.05 -14.75 -1.41
N ASN B 91 -0.07 -15.58 -0.38
CA ASN B 91 -0.38 -17.00 -0.53
C ASN B 91 0.66 -17.78 -1.33
N LEU B 92 1.89 -17.27 -1.36
CA LEU B 92 3.01 -17.98 -1.97
C LEU B 92 4.22 -17.96 -1.06
N ILE B 93 4.81 -19.13 -0.83
CA ILE B 93 6.05 -19.21 -0.07
C ILE B 93 7.15 -19.76 -0.95
N VAL B 94 8.18 -18.96 -1.20
CA VAL B 94 9.27 -19.35 -2.09
C VAL B 94 10.56 -19.55 -1.30
N VAL B 95 11.18 -20.70 -1.47
CA VAL B 95 12.39 -21.07 -0.74
C VAL B 95 13.56 -21.27 -1.70
N ILE B 96 14.70 -20.70 -1.34
CA ILE B 96 15.93 -20.85 -2.12
C ILE B 96 17.02 -21.45 -1.24
N THR B 97 17.65 -22.53 -1.70
CA THR B 97 18.64 -23.23 -0.89
C THR B 97 20.09 -22.87 -1.24
N GLU B 98 21.03 -23.42 -0.48
CA GLU B 98 22.46 -23.23 -0.71
C GLU B 98 22.92 -23.85 -2.02
N GLU B 99 22.27 -24.95 -2.40
CA GLU B 99 22.64 -25.66 -3.63
C GLU B 99 21.82 -25.16 -4.81
N ASN B 100 21.39 -23.90 -4.72
CA ASN B 100 20.67 -23.22 -5.80
C ASN B 100 19.39 -23.93 -6.24
N GLU B 101 18.66 -24.46 -5.26
CA GLU B 101 17.36 -25.06 -5.52
C GLU B 101 16.24 -24.09 -5.16
N VAL B 102 15.20 -24.05 -6.00
CA VAL B 102 14.03 -23.22 -5.74
C VAL B 102 12.79 -24.10 -5.56
N LEU B 103 12.12 -23.90 -4.43
CA LEU B 103 10.89 -24.65 -4.12
C LEU B 103 9.74 -23.67 -3.87
N ILE B 104 8.57 -23.98 -4.44
CA ILE B 104 7.41 -23.11 -4.28
C ILE B 104 6.24 -23.82 -3.59
N PHE B 105 5.79 -23.24 -2.48
CA PHE B 105 4.70 -23.76 -1.66
C PHE B 105 3.51 -22.80 -1.63
N ASN B 106 2.33 -23.33 -1.32
CA ASN B 106 1.16 -22.47 -1.08
C ASN B 106 0.98 -22.17 0.40
N GLN B 107 -0.16 -21.57 0.77
CA GLN B 107 -0.39 -21.18 2.15
C GLN B 107 -0.67 -22.36 3.07
N ASN B 108 -0.89 -23.54 2.48
CA ASN B 108 -1.07 -24.76 3.26
C ASN B 108 0.20 -25.59 3.30
N LEU B 109 1.29 -25.00 2.83
CA LEU B 109 2.58 -25.68 2.73
C LEU B 109 2.54 -26.93 1.86
N GLU B 110 1.68 -26.92 0.86
CA GLU B 110 1.68 -27.96 -0.15
C GLU B 110 2.62 -27.53 -1.26
N GLU B 111 3.49 -28.44 -1.67
CA GLU B 111 4.50 -28.11 -2.68
C GLU B 111 3.88 -27.92 -4.05
N LEU B 112 4.09 -26.74 -4.62
CA LEU B 112 3.59 -26.42 -5.95
C LEU B 112 4.67 -26.61 -7.01
N TYR B 113 5.92 -26.39 -6.63
CA TYR B 113 7.02 -26.52 -7.59
C TYR B 113 8.35 -26.89 -6.96
N ARG B 114 9.15 -27.63 -7.73
CA ARG B 114 10.48 -28.04 -7.33
C ARG B 114 11.43 -27.87 -8.52
N GLY B 115 12.53 -27.13 -8.33
CA GLY B 115 13.45 -26.91 -9.43
C GLY B 115 14.89 -26.67 -9.04
N LYS B 116 15.82 -27.07 -9.91
CA LYS B 116 17.24 -26.84 -9.69
C LYS B 116 17.86 -25.97 -10.79
N PHE B 117 18.73 -25.04 -10.38
CA PHE B 117 19.35 -24.11 -11.32
C PHE B 117 20.85 -24.02 -11.11
N GLU B 118 21.62 -24.38 -12.13
CA GLU B 118 23.08 -24.36 -12.08
C GLU B 118 23.59 -22.99 -11.65
N ASN B 119 23.43 -22.01 -12.53
CA ASN B 119 23.68 -20.62 -12.17
C ASN B 119 22.41 -20.05 -11.55
N LEU B 120 22.55 -19.01 -10.73
CA LEU B 120 21.40 -18.43 -10.05
C LEU B 120 21.69 -17.01 -9.58
N ASN B 121 21.17 -16.03 -10.31
CA ASN B 121 21.37 -14.63 -9.97
C ASN B 121 20.32 -14.12 -8.98
N LYS B 122 19.07 -14.05 -9.41
CA LYS B 122 18.02 -13.47 -8.56
C LYS B 122 16.69 -14.22 -8.64
N VAL B 123 15.87 -14.04 -7.61
CA VAL B 123 14.53 -14.61 -7.61
C VAL B 123 13.50 -13.56 -7.18
N LEU B 124 12.56 -13.25 -8.06
CA LEU B 124 11.55 -12.22 -7.80
C LEU B 124 10.18 -12.86 -7.66
N VAL B 125 9.37 -12.30 -6.75
CA VAL B 125 8.03 -12.82 -6.51
C VAL B 125 7.02 -11.68 -6.47
N ARG B 126 5.92 -11.82 -7.21
CA ARG B 126 4.83 -10.87 -7.16
C ARG B 126 3.50 -11.54 -7.51
N ASN B 127 2.61 -11.61 -6.53
CA ASN B 127 1.31 -12.24 -6.69
C ASN B 127 1.39 -13.71 -7.08
N ASP B 128 0.99 -14.03 -8.31
CA ASP B 128 0.99 -15.40 -8.79
C ASP B 128 2.24 -15.76 -9.58
N LEU B 129 3.11 -14.77 -9.78
CA LEU B 129 4.26 -14.93 -10.66
C LEU B 129 5.57 -15.07 -9.89
N VAL B 130 6.39 -16.05 -10.31
CA VAL B 130 7.75 -16.17 -9.77
C VAL B 130 8.78 -16.15 -10.91
N VAL B 131 9.66 -15.15 -10.90
CA VAL B 131 10.68 -15.03 -11.96
C VAL B 131 12.05 -15.43 -11.44
N ILE B 132 12.69 -16.36 -12.14
CA ILE B 132 14.00 -16.87 -11.74
C ILE B 132 15.06 -16.52 -12.77
N ILE B 133 16.09 -15.83 -12.31
CA ILE B 133 17.14 -15.30 -13.18
C ILE B 133 18.48 -15.96 -12.87
N ASP B 134 19.04 -16.60 -13.88
CA ASP B 134 20.38 -17.17 -13.81
C ASP B 134 21.31 -16.44 -14.76
N GLU B 135 22.41 -17.07 -15.13
CA GLU B 135 23.38 -16.45 -16.02
C GLU B 135 23.09 -16.75 -17.48
N GLN B 136 22.25 -17.76 -17.70
CA GLN B 136 21.93 -18.19 -19.06
C GLN B 136 20.52 -17.78 -19.50
N LYS B 137 19.52 -18.23 -18.74
CA LYS B 137 18.13 -18.00 -19.13
C LYS B 137 17.28 -17.38 -18.04
N LEU B 138 16.07 -16.98 -18.45
CA LEU B 138 15.08 -16.47 -17.52
C LEU B 138 13.91 -17.44 -17.47
N THR B 139 13.51 -17.84 -16.28
CA THR B 139 12.43 -18.81 -16.10
C THR B 139 11.21 -18.17 -15.44
N LEU B 140 10.07 -18.22 -16.12
CA LEU B 140 8.82 -17.71 -15.57
C LEU B 140 7.95 -18.84 -15.04
N ILE B 141 7.58 -18.75 -13.78
CA ILE B 141 6.72 -19.73 -13.15
C ILE B 141 5.39 -19.12 -12.76
N ARG B 142 4.32 -19.59 -13.40
CA ARG B 142 2.98 -19.06 -13.18
C ARG B 142 2.17 -19.96 -12.26
N THR B 143 1.83 -19.44 -11.08
CA THR B 143 1.06 -20.18 -10.09
C THR B 143 -0.44 -20.00 -10.33
N SER C 2 -3.03 40.68 18.79
CA SER C 2 -4.37 40.20 19.09
C SER C 2 -5.17 39.96 17.81
N GLU C 3 -5.48 38.69 17.54
CA GLU C 3 -6.13 38.29 16.31
C GLU C 3 -7.20 37.23 16.56
N LEU C 4 -8.36 37.42 15.96
CA LEU C 4 -9.45 36.47 16.09
C LEU C 4 -9.90 35.93 14.73
N LYS C 5 -9.92 34.60 14.61
CA LYS C 5 -10.45 33.93 13.44
C LYS C 5 -11.70 33.16 13.84
N LEU C 6 -12.83 33.58 13.25
CA LEU C 6 -14.16 33.11 13.60
C LEU C 6 -14.90 32.53 12.40
N LYS C 7 -15.94 31.75 12.67
CA LYS C 7 -16.81 31.24 11.64
C LYS C 7 -18.17 30.91 12.23
N PRO C 8 -19.25 31.12 11.46
CA PRO C 8 -20.59 30.81 11.96
C PRO C 8 -20.79 29.30 11.99
N LEU C 9 -21.53 28.80 12.97
CA LEU C 9 -21.82 27.37 13.03
C LEU C 9 -22.88 26.98 12.00
N PRO C 10 -24.04 27.67 11.99
CA PRO C 10 -24.86 27.44 10.80
C PRO C 10 -24.34 28.34 9.66
N LYS C 11 -24.18 27.76 8.49
CA LYS C 11 -23.62 28.48 7.36
C LYS C 11 -24.65 29.40 6.72
N VAL C 12 -24.97 30.49 7.41
CA VAL C 12 -25.97 31.44 6.94
C VAL C 12 -25.32 32.64 6.27
N GLU C 13 -26.11 33.37 5.50
CA GLU C 13 -25.63 34.57 4.84
C GLU C 13 -25.58 35.72 5.84
N LEU C 14 -24.47 36.45 5.84
CA LEU C 14 -24.27 37.51 6.81
C LEU C 14 -24.23 38.88 6.16
N PRO C 15 -24.76 39.90 6.86
CA PRO C 15 -24.51 41.28 6.44
C PRO C 15 -23.04 41.58 6.69
N PRO C 16 -22.40 42.35 5.81
CA PRO C 16 -20.94 42.55 5.88
C PRO C 16 -20.45 43.29 7.13
N ASP C 17 -21.34 43.97 7.84
CA ASP C 17 -20.93 44.74 9.03
C ASP C 17 -21.20 44.04 10.38
N PHE C 18 -21.45 42.73 10.35
CA PHE C 18 -21.73 41.94 11.56
C PHE C 18 -20.60 41.98 12.60
N VAL C 19 -19.37 42.13 12.09
CA VAL C 19 -18.17 42.15 12.92
C VAL C 19 -18.25 43.26 13.98
N ASP C 20 -18.86 44.38 13.63
CA ASP C 20 -19.04 45.48 14.57
C ASP C 20 -19.86 45.06 15.80
N VAL C 21 -21.01 44.44 15.56
CA VAL C 21 -21.85 43.94 16.64
C VAL C 21 -21.08 42.92 17.47
N ILE C 22 -20.35 42.03 16.80
CA ILE C 22 -19.52 41.07 17.52
C ILE C 22 -18.50 41.79 18.43
N ARG C 23 -17.91 42.85 17.91
CA ARG C 23 -16.93 43.65 18.65
C ARG C 23 -17.54 44.27 19.91
N ILE C 24 -18.73 44.83 19.77
CA ILE C 24 -19.43 45.38 20.92
C ILE C 24 -19.72 44.28 21.93
N LYS C 25 -19.99 43.07 21.42
CA LYS C 25 -20.25 41.93 22.29
C LYS C 25 -19.00 41.48 23.06
N LEU C 26 -17.84 41.59 22.43
CA LEU C 26 -16.61 41.03 23.00
C LEU C 26 -15.72 42.08 23.66
N GLN C 27 -16.18 43.33 23.69
CA GLN C 27 -15.39 44.43 24.25
C GLN C 27 -15.02 44.16 25.71
N GLY C 28 -13.74 43.89 25.95
CA GLY C 28 -13.26 43.68 27.31
C GLY C 28 -13.31 42.25 27.82
N LYS C 29 -13.79 41.33 26.99
CA LYS C 29 -13.91 39.92 27.38
C LYS C 29 -12.67 39.11 27.04
N THR C 30 -12.53 37.95 27.70
CA THR C 30 -11.40 37.06 27.46
C THR C 30 -11.83 35.91 26.56
N VAL C 31 -11.06 35.65 25.51
CA VAL C 31 -11.43 34.64 24.52
C VAL C 31 -10.28 33.67 24.22
N ARG C 32 -10.60 32.38 24.21
CA ARG C 32 -9.63 31.34 23.87
C ARG C 32 -10.02 30.61 22.58
N THR C 33 -9.06 29.90 22.01
CA THR C 33 -9.30 29.07 20.84
C THR C 33 -10.34 28.00 21.15
N GLY C 34 -11.36 27.88 20.30
CA GLY C 34 -12.40 26.88 20.49
C GLY C 34 -13.69 27.42 21.10
N ASP C 35 -13.65 28.65 21.58
CA ASP C 35 -14.83 29.26 22.21
C ASP C 35 -16.01 29.43 21.24
N VAL C 36 -17.21 29.42 21.79
CA VAL C 36 -18.43 29.62 21.01
C VAL C 36 -19.17 30.86 21.52
N ILE C 37 -19.41 31.81 20.62
CA ILE C 37 -19.97 33.10 20.98
C ILE C 37 -21.27 33.36 20.23
N GLY C 38 -22.35 33.54 20.98
CA GLY C 38 -23.65 33.81 20.39
C GLY C 38 -23.92 35.28 20.20
N ILE C 39 -24.39 35.65 19.01
CA ILE C 39 -24.67 37.06 18.72
C ILE C 39 -25.95 37.23 17.90
N SER C 40 -26.79 38.18 18.32
CA SER C 40 -28.03 38.45 17.61
C SER C 40 -27.77 39.21 16.32
N ILE C 41 -28.17 38.61 15.20
CA ILE C 41 -28.07 39.23 13.90
C ILE C 41 -29.45 39.25 13.24
N LEU C 42 -29.89 40.44 12.85
CA LEU C 42 -31.19 40.62 12.21
C LEU C 42 -32.36 40.05 13.02
N GLY C 43 -32.18 39.98 14.34
CA GLY C 43 -33.22 39.49 15.23
C GLY C 43 -33.13 38.02 15.57
N LYS C 44 -32.12 37.33 15.06
CA LYS C 44 -31.95 35.90 15.36
C LYS C 44 -30.56 35.60 15.89
N GLU C 45 -30.46 34.76 16.90
CA GLU C 45 -29.17 34.40 17.47
C GLU C 45 -28.37 33.48 16.56
N VAL C 46 -27.10 33.82 16.36
CA VAL C 46 -26.19 33.02 15.55
C VAL C 46 -24.92 32.73 16.35
N LYS C 47 -24.56 31.46 16.43
CA LYS C 47 -23.35 31.06 17.15
C LYS C 47 -22.12 31.07 16.26
N PHE C 48 -21.01 31.57 16.79
CA PHE C 48 -19.75 31.68 16.06
C PHE C 48 -18.64 30.94 16.80
N LYS C 49 -17.91 30.09 16.09
CA LYS C 49 -16.79 29.39 16.69
C LYS C 49 -15.50 30.18 16.55
N VAL C 50 -14.75 30.28 17.64
CA VAL C 50 -13.44 30.91 17.59
C VAL C 50 -12.43 29.91 17.05
N VAL C 51 -12.28 29.89 15.73
CA VAL C 51 -11.37 28.95 15.08
C VAL C 51 -9.95 29.14 15.61
N GLN C 52 -9.53 30.39 15.76
CA GLN C 52 -8.21 30.63 16.37
C GLN C 52 -8.09 31.99 17.05
N ALA C 53 -7.43 32.02 18.20
CA ALA C 53 -7.13 33.27 18.88
C ALA C 53 -5.63 33.41 19.11
N TYR C 54 -5.03 34.46 18.55
CA TYR C 54 -3.59 34.68 18.72
C TYR C 54 -3.29 36.02 19.40
N PRO C 55 -2.84 35.97 20.65
CA PRO C 55 -2.56 34.73 21.38
C PRO C 55 -3.79 34.16 22.07
N SER C 56 -3.63 33.04 22.76
CA SER C 56 -4.72 32.44 23.53
C SER C 56 -4.23 32.04 24.91
N PRO C 57 -4.87 32.57 25.97
CA PRO C 57 -6.06 33.43 25.94
C PRO C 57 -5.75 34.87 25.55
N LEU C 58 -6.79 35.62 25.20
CA LEU C 58 -6.65 37.00 24.80
C LEU C 58 -7.81 37.87 25.28
N ARG C 59 -7.53 39.13 25.58
CA ARG C 59 -8.58 40.09 25.92
C ARG C 59 -8.81 41.03 24.75
N VAL C 60 -10.06 41.06 24.28
CA VAL C 60 -10.41 41.86 23.11
C VAL C 60 -10.21 43.36 23.37
N GLU C 61 -9.43 43.99 22.51
CA GLU C 61 -9.19 45.42 22.57
C GLU C 61 -9.75 46.07 21.32
N ASP C 62 -9.49 47.37 21.16
CA ASP C 62 -9.94 48.08 19.98
C ASP C 62 -9.08 47.74 18.76
N ARG C 63 -7.83 47.34 19.02
CA ARG C 63 -6.89 47.06 17.94
C ARG C 63 -6.82 45.56 17.62
N THR C 64 -7.76 44.79 18.16
CA THR C 64 -7.83 43.36 17.88
C THR C 64 -8.39 43.10 16.48
N LYS C 65 -7.63 42.38 15.68
CA LYS C 65 -8.04 42.02 14.33
C LYS C 65 -9.02 40.85 14.34
N ILE C 66 -10.15 41.01 13.66
CA ILE C 66 -11.15 39.95 13.57
C ILE C 66 -11.33 39.49 12.12
N THR C 67 -11.23 38.18 11.90
CA THR C 67 -11.25 37.62 10.56
C THR C 67 -12.38 36.60 10.35
N LEU C 68 -13.09 36.73 9.23
CA LEU C 68 -14.10 35.76 8.83
C LEU C 68 -13.46 34.62 8.02
N VAL C 69 -13.72 33.39 8.44
CA VAL C 69 -13.14 32.22 7.79
C VAL C 69 -14.18 31.40 7.02
N THR C 70 -13.83 31.02 5.80
CA THR C 70 -14.72 30.21 4.96
C THR C 70 -14.21 28.78 4.73
N HIS C 71 -13.15 28.40 5.45
CA HIS C 71 -12.63 27.04 5.33
C HIS C 71 -12.97 26.23 6.58
N PRO C 72 -13.10 24.90 6.44
CA PRO C 72 -13.56 24.08 7.56
C PRO C 72 -12.42 23.52 8.42
N VAL C 73 -11.41 24.33 8.66
CA VAL C 73 -10.29 23.96 9.52
C VAL C 73 -10.67 23.98 11.01
N ASP C 74 -10.27 22.94 11.73
CA ASP C 74 -10.42 22.93 13.18
C ASP C 74 -9.04 22.81 13.82
N VAL C 75 -8.78 23.57 14.87
CA VAL C 75 -7.47 23.54 15.52
C VAL C 75 -7.55 23.16 17.01
N LEU C 76 -6.96 22.03 17.35
CA LEU C 76 -6.96 21.54 18.73
C LEU C 76 -5.54 21.47 19.29
N GLU C 77 -5.38 21.78 20.57
CA GLU C 77 -4.07 21.75 21.20
C GLU C 77 -4.13 21.12 22.59
N ALA C 78 -3.07 20.41 22.97
CA ALA C 78 -2.97 19.80 24.29
C ALA C 78 -1.59 20.06 24.90
N LYS C 79 -1.57 20.81 25.99
CA LYS C 79 -0.32 21.16 26.67
C LYS C 79 0.30 19.94 27.36
N ILE C 80 1.46 19.53 26.86
CA ILE C 80 2.20 18.41 27.41
C ILE C 80 3.68 18.76 27.51
N LYS C 81 4.22 18.73 28.72
CA LYS C 81 5.59 19.16 28.97
C LYS C 81 6.62 18.17 28.45
N GLY C 82 7.52 18.66 27.60
CA GLY C 82 8.63 17.87 27.10
C GLY C 82 8.23 16.66 26.27
N ILE C 83 7.70 16.92 25.07
CA ILE C 83 7.33 15.83 24.17
C ILE C 83 8.54 15.29 23.43
N LYS C 84 8.86 14.03 23.70
CA LYS C 84 10.01 13.35 23.12
C LYS C 84 9.73 12.81 21.71
N ASP C 85 8.56 12.21 21.52
CA ASP C 85 8.20 11.62 20.23
C ASP C 85 6.71 11.40 20.07
N VAL C 86 6.25 11.39 18.82
CA VAL C 86 4.84 11.21 18.50
C VAL C 86 4.64 10.26 17.32
N ILE C 87 3.71 9.31 17.47
CA ILE C 87 3.37 8.39 16.40
C ILE C 87 1.92 8.61 15.97
N LEU C 88 1.71 8.76 14.67
CA LEU C 88 0.39 9.06 14.13
C LEU C 88 -0.15 7.91 13.26
N ASP C 89 -1.24 7.29 13.70
CA ASP C 89 -1.87 6.23 12.93
C ASP C 89 -3.32 6.59 12.66
N GLU C 90 -4.13 5.59 12.30
CA GLU C 90 -5.52 5.84 11.92
C GLU C 90 -6.36 6.26 13.11
N ASN C 91 -6.58 7.57 13.23
CA ASN C 91 -7.36 8.15 14.32
C ASN C 91 -6.77 7.85 15.69
N LEU C 92 -5.46 7.63 15.72
CA LEU C 92 -4.73 7.41 16.96
C LEU C 92 -3.53 8.32 17.00
N ILE C 93 -3.39 9.07 18.08
CA ILE C 93 -2.20 9.88 18.26
C ILE C 93 -1.50 9.43 19.54
N VAL C 94 -0.28 8.92 19.39
CA VAL C 94 0.46 8.40 20.53
C VAL C 94 1.65 9.29 20.83
N VAL C 95 1.72 9.78 22.07
CA VAL C 95 2.74 10.71 22.49
C VAL C 95 3.62 10.09 23.57
N ILE C 96 4.92 10.25 23.40
CA ILE C 96 5.91 9.76 24.37
C ILE C 96 6.72 10.94 24.87
N THR C 97 6.83 11.09 26.18
CA THR C 97 7.50 12.25 26.76
C THR C 97 8.95 11.96 27.15
N GLU C 98 9.64 12.99 27.64
CA GLU C 98 11.02 12.86 28.07
C GLU C 98 11.11 11.93 29.27
N GLU C 99 10.07 11.93 30.11
CA GLU C 99 10.05 11.07 31.30
C GLU C 99 9.37 9.74 31.02
N ASN C 100 9.39 9.31 29.76
CA ASN C 100 8.82 8.03 29.36
C ASN C 100 7.35 7.86 29.73
N GLU C 101 6.58 8.92 29.55
CA GLU C 101 5.14 8.86 29.73
C GLU C 101 4.48 8.65 28.38
N VAL C 102 3.48 7.79 28.34
CA VAL C 102 2.76 7.50 27.10
C VAL C 102 1.31 7.94 27.19
N LEU C 103 0.89 8.77 26.24
CA LEU C 103 -0.49 9.25 26.18
C LEU C 103 -1.12 8.91 24.83
N ILE C 104 -2.34 8.39 24.85
CA ILE C 104 -3.03 8.00 23.62
C ILE C 104 -4.31 8.81 23.47
N PHE C 105 -4.41 9.52 22.34
CA PHE C 105 -5.55 10.37 22.01
C PHE C 105 -6.24 9.86 20.73
N ASN C 106 -7.49 10.25 20.54
CA ASN C 106 -8.18 10.01 19.27
C ASN C 106 -8.12 11.22 18.34
N GLN C 107 -8.89 11.18 17.25
CA GLN C 107 -8.86 12.22 16.23
C GLN C 107 -9.48 13.53 16.69
N ASN C 108 -10.17 13.49 17.83
CA ASN C 108 -10.74 14.69 18.42
C ASN C 108 -9.86 15.21 19.54
N LEU C 109 -8.66 14.64 19.63
CA LEU C 109 -7.69 14.94 20.68
C LEU C 109 -8.26 14.70 22.07
N GLU C 110 -9.15 13.72 22.18
CA GLU C 110 -9.66 13.29 23.47
C GLU C 110 -8.76 12.21 24.04
N GLU C 111 -8.42 12.33 25.32
CA GLU C 111 -7.52 11.39 25.96
C GLU C 111 -8.14 10.01 26.10
N LEU C 112 -7.49 9.01 25.52
CA LEU C 112 -7.92 7.63 25.67
C LEU C 112 -7.12 6.94 26.76
N TYR C 113 -5.84 7.33 26.89
CA TYR C 113 -5.00 6.69 27.91
C TYR C 113 -3.80 7.53 28.35
N ARG C 114 -3.40 7.39 29.61
CA ARG C 114 -2.17 7.99 30.11
C ARG C 114 -1.51 6.98 31.03
N GLY C 115 -0.24 6.70 30.78
CA GLY C 115 0.48 5.71 31.58
C GLY C 115 1.96 6.03 31.66
N LYS C 116 2.60 5.61 32.75
CA LYS C 116 4.02 5.86 32.92
C LYS C 116 4.79 4.55 32.94
N PHE C 117 5.94 4.53 32.28
CA PHE C 117 6.76 3.33 32.17
C PHE C 117 8.21 3.62 32.52
N GLU C 118 8.71 2.95 33.56
CA GLU C 118 10.08 3.14 34.03
C GLU C 118 11.11 2.95 32.92
N ASN C 119 11.31 1.71 32.51
CA ASN C 119 12.14 1.43 31.35
C ASN C 119 11.31 1.55 30.08
N LEU C 120 11.98 1.84 28.96
CA LEU C 120 11.26 2.04 27.71
C LEU C 120 12.18 1.93 26.49
N ASN C 121 12.14 0.80 25.80
CA ASN C 121 12.94 0.61 24.59
C ASN C 121 12.22 1.14 23.36
N LYS C 122 11.10 0.52 23.02
CA LYS C 122 10.40 0.89 21.79
C LYS C 122 8.89 0.96 21.94
N VAL C 123 8.25 1.71 21.04
CA VAL C 123 6.79 1.80 21.00
C VAL C 123 6.32 1.60 19.57
N LEU C 124 5.51 0.57 19.35
CA LEU C 124 5.01 0.25 18.01
C LEU C 124 3.51 0.50 17.94
N VAL C 125 3.05 0.95 16.79
CA VAL C 125 1.64 1.23 16.60
C VAL C 125 1.14 0.63 15.28
N ARG C 126 0.01 -0.06 15.34
CA ARG C 126 -0.61 -0.59 14.12
C ARG C 126 -2.10 -0.75 14.31
N ASN C 127 -2.89 0.03 13.56
CA ASN C 127 -4.35 0.02 13.66
C ASN C 127 -4.86 0.39 15.05
N ASP C 128 -5.43 -0.58 15.75
CA ASP C 128 -5.99 -0.37 17.08
C ASP C 128 -4.99 -0.73 18.17
N LEU C 129 -3.82 -1.20 17.76
CA LEU C 129 -2.85 -1.76 18.71
C LEU C 129 -1.68 -0.84 19.02
N VAL C 130 -1.39 -0.70 20.31
CA VAL C 130 -0.19 0.01 20.75
C VAL C 130 0.67 -0.92 21.61
N VAL C 131 1.87 -1.21 21.14
CA VAL C 131 2.76 -2.13 21.84
C VAL C 131 3.91 -1.37 22.49
N ILE C 132 4.10 -1.58 23.78
CA ILE C 132 5.15 -0.90 24.52
C ILE C 132 6.18 -1.92 25.02
N ILE C 133 7.42 -1.73 24.60
CA ILE C 133 8.48 -2.69 24.86
C ILE C 133 9.61 -2.13 25.71
N ASP C 134 9.84 -2.75 26.86
CA ASP C 134 10.98 -2.43 27.70
C ASP C 134 11.92 -3.62 27.78
N GLU C 135 12.75 -3.67 28.82
CA GLU C 135 13.73 -4.73 28.97
C GLU C 135 13.19 -5.93 29.74
N GLN C 136 12.09 -5.74 30.44
CA GLN C 136 11.51 -6.80 31.28
C GLN C 136 10.27 -7.41 30.65
N LYS C 137 9.26 -6.59 30.39
CA LYS C 137 7.97 -7.09 29.93
C LYS C 137 7.48 -6.41 28.65
N LEU C 138 6.43 -6.97 28.09
CA LEU C 138 5.77 -6.39 26.92
C LEU C 138 4.36 -5.96 27.32
N THR C 139 4.02 -4.71 27.02
CA THR C 139 2.70 -4.19 27.37
C THR C 139 1.85 -3.93 26.13
N LEU C 140 0.70 -4.58 26.06
CA LEU C 140 -0.22 -4.37 24.94
C LEU C 140 -1.40 -3.48 25.32
N ILE C 141 -1.59 -2.40 24.57
CA ILE C 141 -2.71 -1.50 24.78
C ILE C 141 -3.65 -1.58 23.60
N ARG C 142 -4.86 -2.08 23.86
CA ARG C 142 -5.83 -2.31 22.81
C ARG C 142 -6.89 -1.21 22.80
N THR C 143 -6.90 -0.44 21.72
CA THR C 143 -7.83 0.67 21.57
C THR C 143 -9.15 0.17 20.97
N SER D 2 18.16 -38.40 -25.66
CA SER D 2 16.88 -37.77 -25.93
C SER D 2 15.90 -37.98 -24.77
N GLU D 3 15.36 -36.88 -24.25
CA GLU D 3 14.42 -36.91 -23.13
C GLU D 3 13.17 -36.09 -23.42
N LEU D 4 12.01 -36.70 -23.14
CA LEU D 4 10.74 -36.00 -23.22
C LEU D 4 10.10 -35.87 -21.84
N LYS D 5 9.96 -34.64 -21.39
CA LYS D 5 9.27 -34.33 -20.14
C LYS D 5 7.91 -33.74 -20.45
N LEU D 6 6.87 -34.55 -20.20
CA LEU D 6 5.49 -34.23 -20.53
C LEU D 6 4.63 -34.00 -19.29
N LYS D 7 3.61 -33.16 -19.43
CA LYS D 7 2.68 -32.89 -18.35
C LYS D 7 1.24 -33.03 -18.83
N PRO D 8 0.47 -33.94 -18.22
CA PRO D 8 -0.94 -34.09 -18.59
C PRO D 8 -1.74 -32.85 -18.20
N LEU D 9 -2.71 -32.48 -19.05
CA LEU D 9 -3.50 -31.28 -18.83
C LEU D 9 -4.99 -31.57 -18.86
N PRO D 10 -5.65 -31.59 -17.70
CA PRO D 10 -5.03 -31.42 -16.38
C PRO D 10 -4.87 -32.77 -15.67
N LYS D 11 -5.20 -33.85 -16.37
CA LYS D 11 -5.19 -35.17 -15.76
C LYS D 11 -5.13 -36.27 -16.82
N VAL D 12 -4.74 -37.47 -16.39
CA VAL D 12 -4.71 -38.63 -17.27
C VAL D 12 -5.11 -39.91 -16.54
N GLU D 13 -6.07 -40.64 -17.13
CA GLU D 13 -6.39 -41.98 -16.66
C GLU D 13 -5.32 -42.93 -17.19
N LEU D 14 -4.67 -43.66 -16.28
CA LEU D 14 -3.48 -44.42 -16.63
C LEU D 14 -3.73 -45.92 -16.83
N PRO D 15 -3.36 -46.44 -18.01
CA PRO D 15 -3.41 -47.86 -18.35
C PRO D 15 -2.12 -48.57 -17.94
N PRO D 16 -2.16 -49.90 -17.82
CA PRO D 16 -0.94 -50.69 -17.55
C PRO D 16 0.12 -50.45 -18.62
N ASP D 17 1.39 -50.41 -18.20
CA ASP D 17 2.52 -50.22 -19.12
C ASP D 17 2.32 -48.98 -19.99
N PHE D 18 2.01 -47.87 -19.35
CA PHE D 18 1.65 -46.64 -20.03
C PHE D 18 2.81 -46.05 -20.83
N VAL D 19 4.04 -46.41 -20.45
CA VAL D 19 5.23 -45.95 -21.15
C VAL D 19 5.30 -46.51 -22.57
N ASP D 20 5.01 -47.80 -22.72
CA ASP D 20 4.97 -48.44 -24.02
C ASP D 20 3.89 -47.79 -24.89
N VAL D 21 2.77 -47.46 -24.26
CA VAL D 21 1.65 -46.83 -24.96
C VAL D 21 2.07 -45.45 -25.50
N ILE D 22 2.66 -44.63 -24.65
CA ILE D 22 3.13 -43.31 -25.08
C ILE D 22 4.16 -43.43 -26.18
N ARG D 23 5.09 -44.37 -26.03
CA ARG D 23 6.15 -44.57 -27.03
C ARG D 23 5.55 -44.95 -28.38
N ILE D 24 4.53 -45.81 -28.36
CA ILE D 24 3.89 -46.25 -29.58
C ILE D 24 3.08 -45.12 -30.24
N LYS D 25 2.41 -44.32 -29.42
CA LYS D 25 1.55 -43.25 -29.94
C LYS D 25 2.34 -42.06 -30.49
N LEU D 26 3.50 -41.79 -29.91
CA LEU D 26 4.33 -40.67 -30.36
C LEU D 26 5.46 -41.10 -31.29
N GLN D 27 5.42 -42.36 -31.72
CA GLN D 27 6.49 -42.92 -32.56
C GLN D 27 6.71 -42.13 -33.84
N GLY D 28 7.93 -41.62 -34.00
CA GLY D 28 8.34 -40.96 -35.24
C GLY D 28 7.91 -39.52 -35.38
N LYS D 29 7.29 -38.97 -34.34
CA LYS D 29 6.83 -37.58 -34.36
C LYS D 29 7.94 -36.62 -33.96
N THR D 30 7.87 -35.40 -34.46
CA THR D 30 8.85 -34.36 -34.09
C THR D 30 8.25 -33.43 -33.05
N VAL D 31 9.00 -33.17 -31.99
CA VAL D 31 8.48 -32.45 -30.84
C VAL D 31 9.44 -31.35 -30.36
N ARG D 32 8.88 -30.16 -30.12
CA ARG D 32 9.65 -29.04 -29.59
C ARG D 32 9.15 -28.65 -28.20
N THR D 33 10.05 -28.11 -27.38
CA THR D 33 9.68 -27.60 -26.07
C THR D 33 8.62 -26.51 -26.21
N GLY D 34 7.53 -26.67 -25.46
CA GLY D 34 6.45 -25.70 -25.48
C GLY D 34 5.25 -26.16 -26.27
N ASP D 35 5.41 -27.26 -27.00
CA ASP D 35 4.31 -27.80 -27.79
C ASP D 35 3.24 -28.41 -26.89
N VAL D 36 2.01 -28.47 -27.40
CA VAL D 36 0.92 -29.15 -26.71
C VAL D 36 0.34 -30.19 -27.65
N ILE D 37 0.36 -31.46 -27.23
CA ILE D 37 -0.04 -32.56 -28.11
C ILE D 37 -1.18 -33.38 -27.53
N GLY D 38 -2.20 -33.62 -28.35
CA GLY D 38 -3.31 -34.46 -27.95
C GLY D 38 -3.06 -35.90 -28.31
N ILE D 39 -3.25 -36.79 -27.34
CA ILE D 39 -3.04 -38.21 -27.52
C ILE D 39 -4.29 -38.96 -27.07
N SER D 40 -4.80 -39.84 -27.91
CA SER D 40 -5.96 -40.64 -27.56
C SER D 40 -5.57 -41.76 -26.59
N ILE D 41 -6.05 -41.67 -25.36
CA ILE D 41 -5.77 -42.68 -24.35
C ILE D 41 -7.06 -43.21 -23.75
N LEU D 42 -7.22 -44.54 -23.77
CA LEU D 42 -8.41 -45.21 -23.24
C LEU D 42 -9.71 -44.64 -23.80
N GLY D 43 -9.67 -44.22 -25.07
CA GLY D 43 -10.85 -43.72 -25.74
C GLY D 43 -11.14 -42.25 -25.51
N LYS D 44 -10.24 -41.54 -24.85
CA LYS D 44 -10.44 -40.11 -24.62
C LYS D 44 -9.19 -39.29 -24.94
N GLU D 45 -9.42 -38.12 -25.55
CA GLU D 45 -8.33 -37.22 -25.93
C GLU D 45 -7.68 -36.60 -24.70
N VAL D 46 -6.36 -36.70 -24.61
CA VAL D 46 -5.63 -36.14 -23.48
C VAL D 46 -4.50 -35.22 -23.95
N LYS D 47 -4.51 -33.99 -23.45
CA LYS D 47 -3.50 -33.03 -23.85
C LYS D 47 -2.25 -33.14 -22.98
N PHE D 48 -1.09 -33.02 -23.60
CA PHE D 48 0.18 -33.06 -22.89
C PHE D 48 1.01 -31.85 -23.30
N LYS D 49 1.46 -31.07 -22.32
CA LYS D 49 2.41 -30.01 -22.60
C LYS D 49 3.81 -30.58 -22.58
N VAL D 50 4.54 -30.37 -23.66
CA VAL D 50 5.94 -30.74 -23.71
C VAL D 50 6.68 -29.75 -22.84
N VAL D 51 6.77 -30.06 -21.55
CA VAL D 51 7.44 -29.20 -20.59
C VAL D 51 8.90 -29.06 -21.01
N GLN D 52 9.50 -30.17 -21.43
CA GLN D 52 10.85 -30.08 -21.99
C GLN D 52 11.18 -31.18 -22.99
N ALA D 53 11.78 -30.80 -24.11
CA ALA D 53 12.35 -31.78 -25.02
C ALA D 53 13.85 -31.53 -25.09
N TYR D 54 14.64 -32.56 -24.79
CA TYR D 54 16.09 -32.41 -24.82
C TYR D 54 16.75 -33.46 -25.69
N PRO D 55 17.26 -33.05 -26.86
CA PRO D 55 17.25 -31.65 -27.32
C PRO D 55 15.92 -31.25 -27.95
N SER D 56 15.80 -29.98 -28.33
CA SER D 56 14.63 -29.48 -29.02
C SER D 56 15.05 -28.81 -30.32
N PRO D 57 14.52 -29.29 -31.46
CA PRO D 57 13.49 -30.33 -31.57
C PRO D 57 14.00 -31.75 -31.37
N LEU D 58 13.07 -32.69 -31.32
CA LEU D 58 13.39 -34.08 -31.03
C LEU D 58 12.47 -35.02 -31.81
N ARG D 59 13.04 -36.10 -32.34
CA ARG D 59 12.25 -37.12 -33.02
C ARG D 59 12.11 -38.32 -32.11
N VAL D 60 10.88 -38.58 -31.67
CA VAL D 60 10.62 -39.66 -30.72
C VAL D 60 11.02 -41.00 -31.30
N GLU D 61 11.99 -41.64 -30.65
CA GLU D 61 12.49 -42.93 -31.07
C GLU D 61 12.39 -43.93 -29.93
N ASP D 62 12.82 -45.16 -30.18
CA ASP D 62 12.78 -46.19 -29.16
C ASP D 62 13.72 -45.90 -27.99
N ARG D 63 14.73 -45.07 -28.24
CA ARG D 63 15.72 -44.76 -27.22
C ARG D 63 15.29 -43.56 -26.38
N THR D 64 14.24 -42.87 -26.83
CA THR D 64 13.79 -41.67 -26.16
C THR D 64 13.24 -41.98 -24.77
N LYS D 65 13.83 -41.34 -23.76
CA LYS D 65 13.39 -41.48 -22.39
C LYS D 65 12.21 -40.55 -22.13
N ILE D 66 11.11 -41.12 -21.65
CA ILE D 66 9.89 -40.34 -21.43
C ILE D 66 9.51 -40.32 -19.94
N THR D 67 9.31 -39.12 -19.42
CA THR D 67 8.94 -38.95 -18.02
C THR D 67 7.72 -38.05 -17.87
N LEU D 68 6.96 -38.25 -16.81
CA LEU D 68 5.79 -37.42 -16.52
C LEU D 68 6.15 -36.32 -15.53
N VAL D 69 5.70 -35.12 -15.84
CA VAL D 69 5.85 -33.96 -14.96
C VAL D 69 4.57 -33.78 -14.13
N THR D 70 4.72 -33.51 -12.84
CA THR D 70 3.56 -33.49 -11.93
C THR D 70 3.26 -32.15 -11.26
N HIS D 71 4.09 -31.13 -11.50
CA HIS D 71 3.88 -29.86 -10.83
C HIS D 71 2.68 -29.08 -11.36
N PRO D 72 1.80 -28.63 -10.46
CA PRO D 72 0.58 -27.87 -10.77
C PRO D 72 0.91 -26.42 -11.08
N VAL D 73 1.80 -26.23 -12.05
CA VAL D 73 2.36 -24.93 -12.33
C VAL D 73 2.82 -24.90 -13.78
N ASP D 74 2.65 -23.78 -14.45
CA ASP D 74 3.13 -23.65 -15.82
C ASP D 74 4.51 -23.00 -15.83
N VAL D 75 5.49 -23.73 -16.37
CA VAL D 75 6.86 -23.23 -16.46
C VAL D 75 7.18 -22.83 -17.89
N LEU D 76 7.55 -21.57 -18.07
CA LEU D 76 7.88 -21.03 -19.39
C LEU D 76 9.29 -20.46 -19.36
N GLU D 77 10.07 -20.75 -20.39
CA GLU D 77 11.46 -20.31 -20.43
C GLU D 77 11.76 -19.51 -21.68
N ALA D 78 12.68 -18.56 -21.56
CA ALA D 78 13.09 -17.74 -22.67
C ALA D 78 14.58 -17.41 -22.56
N LYS D 79 15.35 -17.83 -23.56
CA LYS D 79 16.78 -17.56 -23.59
C LYS D 79 17.06 -16.10 -23.93
N ILE D 80 17.73 -15.41 -23.00
CA ILE D 80 18.08 -14.00 -23.19
C ILE D 80 19.54 -13.77 -22.81
N LYS D 81 20.34 -13.32 -23.78
CA LYS D 81 21.76 -13.11 -23.56
C LYS D 81 22.04 -11.84 -22.74
N GLY D 82 22.73 -12.01 -21.62
CA GLY D 82 23.15 -10.89 -20.79
C GLY D 82 22.01 -10.06 -20.23
N ILE D 83 21.32 -10.61 -19.24
CA ILE D 83 20.23 -9.89 -18.58
C ILE D 83 20.76 -8.95 -17.52
N LYS D 84 20.59 -7.65 -17.73
CA LYS D 84 21.07 -6.65 -16.79
C LYS D 84 20.10 -6.44 -15.63
N ASP D 85 18.80 -6.42 -15.94
CA ASP D 85 17.78 -6.21 -14.91
C ASP D 85 16.40 -6.65 -15.37
N VAL D 86 15.58 -7.08 -14.41
CA VAL D 86 14.20 -7.48 -14.69
C VAL D 86 13.23 -6.77 -13.75
N ILE D 87 12.19 -6.18 -14.31
CA ILE D 87 11.15 -5.51 -13.51
C ILE D 87 9.84 -6.26 -13.61
N LEU D 88 9.17 -6.44 -12.48
CA LEU D 88 7.98 -7.26 -12.40
C LEU D 88 6.78 -6.46 -11.90
N ASP D 89 5.71 -6.42 -12.70
CA ASP D 89 4.47 -5.77 -12.32
C ASP D 89 3.31 -6.72 -12.54
N GLU D 90 2.08 -6.21 -12.50
CA GLU D 90 0.90 -7.05 -12.70
C GLU D 90 0.85 -7.65 -14.09
N ASN D 91 0.98 -8.97 -14.17
CA ASN D 91 1.06 -9.71 -15.43
C ASN D 91 1.98 -9.07 -16.48
N LEU D 92 3.00 -8.36 -16.01
CA LEU D 92 3.96 -7.72 -16.90
C LEU D 92 5.37 -8.07 -16.48
N ILE D 93 6.19 -8.50 -17.44
CA ILE D 93 7.58 -8.81 -17.15
C ILE D 93 8.49 -8.03 -18.09
N VAL D 94 9.24 -7.09 -17.53
CA VAL D 94 10.11 -6.23 -18.32
C VAL D 94 11.57 -6.57 -18.11
N VAL D 95 12.25 -6.94 -19.18
CA VAL D 95 13.65 -7.35 -19.11
C VAL D 95 14.53 -6.36 -19.87
N ILE D 96 15.62 -5.94 -19.24
CA ILE D 96 16.57 -5.04 -19.88
C ILE D 96 17.90 -5.76 -20.02
N THR D 97 18.44 -5.79 -21.24
CA THR D 97 19.70 -6.48 -21.50
C THR D 97 20.90 -5.55 -21.32
N GLU D 98 22.09 -6.14 -21.36
CA GLU D 98 23.33 -5.38 -21.16
C GLU D 98 23.65 -4.53 -22.39
N GLU D 99 23.06 -4.87 -23.53
CA GLU D 99 23.24 -4.09 -24.75
C GLU D 99 22.05 -3.17 -24.99
N ASN D 100 21.46 -2.69 -23.90
CA ASN D 100 20.40 -1.69 -23.94
C ASN D 100 19.17 -2.08 -24.76
N GLU D 101 18.81 -3.36 -24.73
CA GLU D 101 17.58 -3.83 -25.36
C GLU D 101 16.49 -4.04 -24.32
N VAL D 102 15.30 -3.54 -24.62
CA VAL D 102 14.17 -3.68 -23.71
C VAL D 102 13.14 -4.65 -24.27
N LEU D 103 12.77 -5.63 -23.47
CA LEU D 103 11.80 -6.65 -23.86
C LEU D 103 10.63 -6.66 -22.87
N ILE D 104 9.42 -6.80 -23.41
CA ILE D 104 8.21 -6.77 -22.59
C ILE D 104 7.36 -8.00 -22.85
N PHE D 105 7.17 -8.80 -21.79
CA PHE D 105 6.41 -10.05 -21.85
C PHE D 105 5.14 -9.97 -21.00
N ASN D 106 4.16 -10.80 -21.35
CA ASN D 106 2.94 -10.93 -20.57
C ASN D 106 2.98 -12.13 -19.63
N GLN D 107 1.83 -12.53 -19.11
CA GLN D 107 1.75 -13.63 -18.15
C GLN D 107 2.09 -14.98 -18.79
N ASN D 108 1.98 -15.05 -20.11
CA ASN D 108 2.30 -16.30 -20.83
C ASN D 108 3.67 -16.29 -21.48
N LEU D 109 4.51 -15.32 -21.09
CA LEU D 109 5.87 -15.17 -21.63
C LEU D 109 5.89 -14.98 -23.15
N GLU D 110 4.81 -14.42 -23.69
CA GLU D 110 4.76 -14.07 -25.09
C GLU D 110 5.41 -12.71 -25.28
N GLU D 111 6.39 -12.62 -26.17
CA GLU D 111 7.11 -11.37 -26.40
C GLU D 111 6.18 -10.30 -26.96
N LEU D 112 5.73 -9.41 -26.09
CA LEU D 112 4.83 -8.35 -26.50
C LEU D 112 5.58 -7.20 -27.14
N TYR D 113 6.78 -6.92 -26.66
CA TYR D 113 7.55 -5.82 -27.23
C TYR D 113 9.07 -6.05 -27.22
N ARG D 114 9.73 -5.60 -28.28
CA ARG D 114 11.18 -5.62 -28.35
C ARG D 114 11.68 -4.30 -28.91
N GLY D 115 12.64 -3.69 -28.22
CA GLY D 115 13.14 -2.40 -28.66
C GLY D 115 14.62 -2.19 -28.37
N LYS D 116 15.30 -1.53 -29.28
CA LYS D 116 16.71 -1.19 -29.09
C LYS D 116 16.84 0.31 -28.87
N PHE D 117 17.68 0.69 -27.90
CA PHE D 117 17.87 2.09 -27.56
C PHE D 117 19.34 2.39 -27.38
N GLU D 118 19.91 3.16 -28.30
CA GLU D 118 21.33 3.53 -28.29
C GLU D 118 21.74 4.06 -26.92
N ASN D 119 21.16 5.18 -26.52
CA ASN D 119 21.28 5.65 -25.15
C ASN D 119 20.13 5.08 -24.35
N LEU D 120 20.32 4.95 -23.03
CA LEU D 120 19.27 4.42 -22.17
C LEU D 120 19.46 4.88 -20.74
N ASN D 121 18.68 5.88 -20.33
CA ASN D 121 18.74 6.41 -18.98
C ASN D 121 17.91 5.61 -17.99
N LYS D 122 16.66 5.32 -18.35
CA LYS D 122 15.76 4.69 -17.39
C LYS D 122 14.66 3.84 -18.02
N VAL D 123 14.15 2.91 -17.23
CA VAL D 123 12.94 2.18 -17.58
C VAL D 123 12.05 2.11 -16.35
N LEU D 124 10.86 2.67 -16.45
CA LEU D 124 9.91 2.69 -15.34
C LEU D 124 8.67 1.88 -15.70
N VAL D 125 8.12 1.17 -14.72
CA VAL D 125 6.94 0.34 -14.96
C VAL D 125 5.85 0.63 -13.93
N ARG D 126 4.62 0.83 -14.42
CA ARG D 126 3.48 1.01 -13.54
C ARG D 126 2.20 0.52 -14.22
N ASN D 127 1.67 -0.59 -13.73
CA ASN D 127 0.46 -1.21 -14.27
C ASN D 127 0.62 -1.68 -15.72
N ASP D 128 -0.09 -1.04 -16.63
CA ASP D 128 -0.07 -1.41 -18.04
C ASP D 128 1.01 -0.65 -18.80
N LEU D 129 1.62 0.32 -18.12
CA LEU D 129 2.49 1.28 -18.80
C LEU D 129 3.98 0.98 -18.60
N VAL D 130 4.74 1.14 -19.68
CA VAL D 130 6.19 1.05 -19.61
C VAL D 130 6.81 2.32 -20.22
N VAL D 131 7.63 3.01 -19.44
CA VAL D 131 8.26 4.24 -19.88
C VAL D 131 9.75 4.05 -20.07
N ILE D 132 10.25 4.41 -21.24
CA ILE D 132 11.66 4.25 -21.57
C ILE D 132 12.31 5.60 -21.86
N ILE D 133 13.43 5.86 -21.20
CA ILE D 133 14.07 7.16 -21.23
C ILE D 133 15.51 7.10 -21.71
N ASP D 134 15.77 7.73 -22.86
CA ASP D 134 17.13 8.01 -23.31
C ASP D 134 17.37 9.51 -23.26
N GLU D 135 18.37 9.99 -24.00
CA GLU D 135 18.73 11.41 -23.95
C GLU D 135 18.25 12.18 -25.18
N GLN D 136 17.16 11.73 -25.78
CA GLN D 136 16.62 12.39 -26.95
C GLN D 136 15.10 12.33 -27.01
N LYS D 137 14.53 11.25 -26.46
CA LYS D 137 13.09 11.06 -26.50
C LYS D 137 12.56 10.26 -25.31
N LEU D 138 11.25 10.35 -25.12
CA LEU D 138 10.56 9.54 -24.12
C LEU D 138 9.67 8.56 -24.88
N THR D 139 9.80 7.28 -24.57
CA THR D 139 8.99 6.26 -25.23
C THR D 139 7.96 5.66 -24.28
N LEU D 140 6.69 5.74 -24.64
CA LEU D 140 5.63 5.14 -23.83
C LEU D 140 5.04 3.93 -24.52
N ILE D 141 4.95 2.83 -23.79
CA ILE D 141 4.36 1.61 -24.33
C ILE D 141 3.21 1.17 -23.43
N ARG D 142 2.01 1.15 -24.00
CA ARG D 142 0.82 0.75 -23.25
C ARG D 142 0.40 -0.66 -23.64
N THR D 143 0.13 -1.49 -22.63
CA THR D 143 -0.24 -2.88 -22.86
C THR D 143 -1.72 -3.11 -22.62
N SER E 2 -3.79 -3.39 50.66
CA SER E 2 -4.67 -3.98 49.67
C SER E 2 -5.25 -2.91 48.75
N GLU E 3 -5.05 -3.08 47.46
CA GLU E 3 -5.54 -2.14 46.46
C GLU E 3 -6.30 -2.87 45.38
N LEU E 4 -7.51 -2.41 45.10
CA LEU E 4 -8.29 -2.92 43.98
C LEU E 4 -8.54 -1.81 42.97
N LYS E 5 -7.98 -1.97 41.78
CA LYS E 5 -8.25 -1.08 40.67
C LYS E 5 -9.16 -1.80 39.70
N LEU E 6 -10.41 -1.35 39.65
CA LEU E 6 -11.46 -1.97 38.87
C LEU E 6 -11.91 -1.10 37.71
N LYS E 7 -12.36 -1.73 36.63
CA LYS E 7 -12.87 -1.01 35.47
C LYS E 7 -14.23 -1.56 35.07
N PRO E 8 -15.27 -0.72 35.11
CA PRO E 8 -16.62 -1.13 34.72
C PRO E 8 -16.67 -1.43 33.23
N LEU E 9 -17.45 -2.43 32.85
CA LEU E 9 -17.53 -2.86 31.46
C LEU E 9 -18.97 -2.92 30.97
N PRO E 10 -19.37 -1.93 30.14
CA PRO E 10 -18.54 -0.78 29.77
C PRO E 10 -18.96 0.46 30.55
N LYS E 11 -19.91 0.29 31.46
CA LYS E 11 -20.48 1.41 32.19
C LYS E 11 -21.16 0.91 33.45
N VAL E 12 -21.35 1.80 34.42
CA VAL E 12 -22.06 1.46 35.64
C VAL E 12 -22.91 2.61 36.14
N GLU E 13 -24.19 2.33 36.40
CA GLU E 13 -25.05 3.29 37.07
C GLU E 13 -24.70 3.26 38.55
N LEU E 14 -24.33 4.41 39.09
CA LEU E 14 -23.76 4.46 40.43
C LEU E 14 -24.74 4.93 41.51
N PRO E 15 -24.94 4.11 42.54
CA PRO E 15 -25.74 4.43 43.72
C PRO E 15 -24.91 5.16 44.78
N PRO E 16 -25.57 5.87 45.70
CA PRO E 16 -24.89 6.53 46.83
C PRO E 16 -24.08 5.53 47.65
N ASP E 17 -22.92 5.97 48.15
CA ASP E 17 -22.03 5.12 48.95
C ASP E 17 -21.71 3.82 48.23
N PHE E 18 -21.29 3.94 46.99
CA PHE E 18 -21.06 2.79 46.12
C PHE E 18 -19.88 1.96 46.60
N VAL E 19 -18.96 2.62 47.31
CA VAL E 19 -17.77 1.95 47.85
C VAL E 19 -18.12 0.93 48.93
N ASP E 20 -19.01 1.31 49.83
CA ASP E 20 -19.47 0.41 50.89
C ASP E 20 -20.16 -0.80 50.29
N VAL E 21 -20.96 -0.56 49.25
CA VAL E 21 -21.66 -1.62 48.55
C VAL E 21 -20.69 -2.61 47.92
N ILE E 22 -19.71 -2.09 47.19
CA ILE E 22 -18.70 -2.94 46.57
C ILE E 22 -17.95 -3.76 47.62
N ARG E 23 -17.58 -3.10 48.70
CA ARG E 23 -16.85 -3.74 49.79
C ARG E 23 -17.65 -4.89 50.39
N ILE E 24 -18.96 -4.66 50.55
CA ILE E 24 -19.84 -5.67 51.12
C ILE E 24 -20.04 -6.84 50.17
N LYS E 25 -20.19 -6.55 48.89
CA LYS E 25 -20.47 -7.58 47.89
C LYS E 25 -19.24 -8.41 47.55
N LEU E 26 -18.06 -7.80 47.64
CA LEU E 26 -16.81 -8.48 47.34
C LEU E 26 -16.11 -8.98 48.61
N GLN E 27 -16.77 -8.84 49.76
CA GLN E 27 -16.16 -9.16 51.05
C GLN E 27 -15.71 -10.62 51.15
N GLY E 28 -14.42 -10.80 51.42
CA GLY E 28 -13.86 -12.12 51.66
C GLY E 28 -13.53 -12.91 50.40
N LYS E 29 -13.71 -12.29 49.24
CA LYS E 29 -13.43 -12.95 47.98
C LYS E 29 -11.95 -12.86 47.64
N THR E 30 -11.45 -13.82 46.89
CA THR E 30 -10.06 -13.81 46.44
C THR E 30 -10.00 -13.31 45.00
N VAL E 31 -9.11 -12.36 44.74
CA VAL E 31 -9.06 -11.68 43.46
C VAL E 31 -7.64 -11.60 42.92
N ARG E 32 -7.49 -11.92 41.63
CA ARG E 32 -6.20 -11.81 40.96
C ARG E 32 -6.26 -10.77 39.85
N THR E 33 -5.11 -10.18 39.53
CA THR E 33 -5.01 -9.24 38.43
C THR E 33 -5.42 -9.91 37.12
N GLY E 34 -6.33 -9.27 36.39
CA GLY E 34 -6.77 -9.80 35.11
C GLY E 34 -8.13 -10.47 35.17
N ASP E 35 -8.65 -10.68 36.38
CA ASP E 35 -9.95 -11.32 36.57
C ASP E 35 -11.10 -10.44 36.08
N VAL E 36 -12.21 -11.07 35.76
CA VAL E 36 -13.44 -10.34 35.45
C VAL E 36 -14.55 -10.83 36.37
N ILE E 37 -15.14 -9.91 37.12
CA ILE E 37 -16.11 -10.26 38.16
C ILE E 37 -17.49 -9.64 37.94
N GLY E 38 -18.53 -10.46 38.05
CA GLY E 38 -19.89 -9.95 37.96
C GLY E 38 -20.42 -9.60 39.34
N ILE E 39 -20.97 -8.40 39.46
CA ILE E 39 -21.52 -7.91 40.73
C ILE E 39 -22.94 -7.41 40.54
N SER E 40 -23.85 -7.91 41.36
CA SER E 40 -25.24 -7.48 41.30
C SER E 40 -25.41 -6.11 41.95
N ILE E 41 -25.72 -5.10 41.13
CA ILE E 41 -25.92 -3.74 41.62
C ILE E 41 -27.29 -3.22 41.18
N LEU E 42 -28.07 -2.76 42.15
CA LEU E 42 -29.41 -2.24 41.91
C LEU E 42 -30.29 -3.21 41.12
N GLY E 43 -30.09 -4.50 41.33
CA GLY E 43 -30.89 -5.51 40.67
C GLY E 43 -30.42 -5.87 39.28
N LYS E 44 -29.26 -5.35 38.89
CA LYS E 44 -28.72 -5.64 37.56
C LYS E 44 -27.26 -6.06 37.62
N GLU E 45 -26.90 -7.07 36.83
CA GLU E 45 -25.54 -7.60 36.80
C GLU E 45 -24.58 -6.62 36.12
N VAL E 46 -23.48 -6.30 36.80
CA VAL E 46 -22.48 -5.40 36.25
C VAL E 46 -21.09 -6.02 36.33
N LYS E 47 -20.42 -6.12 35.19
CA LYS E 47 -19.09 -6.71 35.14
C LYS E 47 -17.99 -5.69 35.40
N PHE E 48 -16.97 -6.11 36.14
CA PHE E 48 -15.80 -5.28 36.41
C PHE E 48 -14.53 -6.05 36.08
N LYS E 49 -13.66 -5.46 35.25
CA LYS E 49 -12.35 -6.04 35.02
C LYS E 49 -11.41 -5.61 36.15
N VAL E 50 -10.81 -6.59 36.82
CA VAL E 50 -9.80 -6.31 37.81
C VAL E 50 -8.53 -5.84 37.12
N VAL E 51 -8.44 -4.54 36.90
CA VAL E 51 -7.29 -3.95 36.24
C VAL E 51 -6.03 -4.21 37.04
N GLN E 52 -6.12 -4.07 38.36
CA GLN E 52 -4.98 -4.43 39.19
C GLN E 52 -5.39 -4.82 40.61
N ALA E 53 -4.80 -5.90 41.11
CA ALA E 53 -4.94 -6.28 42.50
C ALA E 53 -3.57 -6.22 43.15
N TYR E 54 -3.43 -5.45 44.23
CA TYR E 54 -2.15 -5.33 44.90
C TYR E 54 -2.24 -5.67 46.39
N PRO E 55 -1.64 -6.81 46.78
CA PRO E 55 -0.90 -7.71 45.90
C PRO E 55 -1.84 -8.64 45.14
N SER E 56 -1.28 -9.46 44.26
CA SER E 56 -2.10 -10.42 43.53
C SER E 56 -1.55 -11.83 43.75
N PRO E 57 -2.38 -12.73 44.31
CA PRO E 57 -3.79 -12.54 44.63
C PRO E 57 -4.05 -11.70 45.88
N LEU E 58 -5.32 -11.41 46.14
CA LEU E 58 -5.71 -10.52 47.23
C LEU E 58 -7.04 -10.96 47.84
N ARG E 59 -7.15 -10.85 49.15
CA ARG E 59 -8.39 -11.12 49.85
C ARG E 59 -9.04 -9.81 50.26
N VAL E 60 -10.20 -9.50 49.67
CA VAL E 60 -10.90 -8.25 49.92
C VAL E 60 -11.35 -8.09 51.37
N GLU E 61 -10.83 -7.05 52.02
CA GLU E 61 -11.19 -6.76 53.41
C GLU E 61 -11.73 -5.35 53.55
N ASP E 62 -12.11 -4.97 54.77
CA ASP E 62 -12.66 -3.65 55.04
C ASP E 62 -11.61 -2.55 54.87
N ARG E 63 -10.34 -2.93 54.94
CA ARG E 63 -9.24 -1.97 54.83
C ARG E 63 -8.79 -1.80 53.38
N THR E 64 -9.31 -2.63 52.50
CA THR E 64 -8.94 -2.61 51.09
C THR E 64 -9.40 -1.34 50.39
N LYS E 65 -8.45 -0.61 49.81
CA LYS E 65 -8.77 0.60 49.05
C LYS E 65 -9.20 0.27 47.62
N ILE E 66 -10.38 0.76 47.24
CA ILE E 66 -10.93 0.46 45.93
C ILE E 66 -11.06 1.72 45.09
N THR E 67 -10.54 1.67 43.87
CA THR E 67 -10.62 2.80 42.96
C THR E 67 -11.17 2.37 41.62
N LEU E 68 -11.82 3.29 40.92
CA LEU E 68 -12.36 3.00 39.60
C LEU E 68 -11.41 3.46 38.52
N VAL E 69 -11.19 2.59 37.53
CA VAL E 69 -10.38 2.92 36.38
C VAL E 69 -11.31 3.40 35.27
N THR E 70 -10.95 4.50 34.62
CA THR E 70 -11.87 5.14 33.67
C THR E 70 -11.42 5.12 32.22
N HIS E 71 -10.23 4.59 31.95
CA HIS E 71 -9.71 4.60 30.59
C HIS E 71 -10.40 3.59 29.66
N PRO E 72 -10.89 4.08 28.50
CA PRO E 72 -11.62 3.25 27.52
C PRO E 72 -10.67 2.39 26.71
N VAL E 73 -9.85 1.62 27.41
CA VAL E 73 -8.76 0.90 26.77
C VAL E 73 -8.39 -0.31 27.62
N ASP E 74 -8.06 -1.42 26.96
CA ASP E 74 -7.62 -2.61 27.65
C ASP E 74 -6.11 -2.67 27.70
N VAL E 75 -5.55 -2.76 28.90
CA VAL E 75 -4.11 -2.87 29.07
C VAL E 75 -3.75 -4.31 29.42
N LEU E 76 -2.92 -4.92 28.58
CA LEU E 76 -2.52 -6.31 28.76
C LEU E 76 -0.99 -6.43 28.81
N GLU E 77 -0.49 -7.22 29.75
CA GLU E 77 0.96 -7.33 29.94
C GLU E 77 1.44 -8.77 29.87
N ALA E 78 2.67 -8.96 29.41
CA ALA E 78 3.27 -10.29 29.35
C ALA E 78 4.77 -10.23 29.65
N LYS E 79 5.18 -10.90 30.72
CA LYS E 79 6.59 -10.96 31.10
C LYS E 79 7.35 -11.90 30.17
N ILE E 80 8.35 -11.36 29.48
CA ILE E 80 9.16 -12.15 28.56
C ILE E 80 10.64 -11.85 28.76
N LYS E 81 11.40 -12.88 29.11
CA LYS E 81 12.83 -12.72 29.39
C LYS E 81 13.65 -12.52 28.11
N GLY E 82 14.36 -11.40 28.04
CA GLY E 82 15.26 -11.13 26.93
C GLY E 82 14.58 -11.03 25.58
N ILE E 83 13.85 -9.93 25.38
CA ILE E 83 13.17 -9.68 24.11
C ILE E 83 14.13 -9.09 23.08
N LYS E 84 14.40 -9.87 22.03
CA LYS E 84 15.31 -9.45 20.96
C LYS E 84 14.62 -8.59 19.90
N ASP E 85 13.41 -8.97 19.53
CA ASP E 85 12.67 -8.24 18.50
C ASP E 85 11.18 -8.55 18.55
N VAL E 86 10.36 -7.57 18.14
CA VAL E 86 8.91 -7.76 18.09
C VAL E 86 8.35 -7.35 16.73
N ILE E 87 7.55 -8.23 16.15
CA ILE E 87 6.90 -7.97 14.87
C ILE E 87 5.40 -7.82 15.04
N LEU E 88 4.83 -6.82 14.38
CA LEU E 88 3.42 -6.50 14.58
C LEU E 88 2.65 -6.55 13.27
N ASP E 89 1.61 -7.40 13.23
CA ASP E 89 0.75 -7.49 12.06
C ASP E 89 -0.71 -7.36 12.52
N GLU E 90 -1.65 -7.68 11.65
CA GLU E 90 -3.07 -7.57 11.98
C GLU E 90 -3.45 -8.54 13.09
N ASN E 91 -3.78 -8.00 14.26
CA ASN E 91 -4.06 -8.78 15.47
C ASN E 91 -3.08 -9.92 15.74
N LEU E 92 -1.83 -9.73 15.33
CA LEU E 92 -0.77 -10.69 15.57
C LEU E 92 0.43 -10.00 16.19
N ILE E 93 0.98 -10.59 17.26
CA ILE E 93 2.18 -10.05 17.86
C ILE E 93 3.22 -11.16 17.94
N VAL E 94 4.31 -11.02 17.19
CA VAL E 94 5.34 -12.05 17.15
C VAL E 94 6.60 -11.57 17.87
N VAL E 95 7.00 -12.31 18.89
CA VAL E 95 8.17 -11.95 19.70
C VAL E 95 9.27 -12.99 19.56
N ILE E 96 10.50 -12.51 19.34
CA ILE E 96 11.65 -13.40 19.25
C ILE E 96 12.61 -13.09 20.40
N THR E 97 12.99 -14.11 21.16
CA THR E 97 13.86 -13.92 22.32
C THR E 97 15.34 -14.03 21.95
N GLU E 98 16.21 -13.72 22.91
CA GLU E 98 17.65 -13.74 22.69
C GLU E 98 18.19 -15.16 22.59
N GLU E 99 17.43 -16.12 23.12
CA GLU E 99 17.82 -17.53 23.02
C GLU E 99 17.01 -18.23 21.93
N ASN E 100 16.69 -17.48 20.87
CA ASN E 100 16.06 -18.02 19.67
C ASN E 100 14.75 -18.76 19.92
N GLU E 101 13.96 -18.25 20.85
CA GLU E 101 12.63 -18.78 21.10
C GLU E 101 11.59 -17.89 20.43
N VAL E 102 10.66 -18.49 19.69
CA VAL E 102 9.65 -17.73 18.98
C VAL E 102 8.27 -17.87 19.64
N LEU E 103 7.66 -16.72 19.93
CA LEU E 103 6.37 -16.67 20.59
C LEU E 103 5.35 -15.90 19.75
N ILE E 104 4.13 -16.42 19.71
CA ILE E 104 3.06 -15.82 18.92
C ILE E 104 1.83 -15.55 19.77
N PHE E 105 1.47 -14.27 19.86
CA PHE E 105 0.32 -13.79 20.65
C PHE E 105 -0.75 -13.24 19.72
N ASN E 106 -2.00 -13.25 20.18
CA ASN E 106 -3.08 -12.61 19.45
C ASN E 106 -3.40 -11.23 20.02
N GLN E 107 -4.55 -10.70 19.64
CA GLN E 107 -4.96 -9.36 20.07
C GLN E 107 -5.28 -9.26 21.56
N ASN E 108 -5.54 -10.40 22.21
CA ASN E 108 -5.81 -10.40 23.64
C ASN E 108 -4.57 -10.81 24.43
N LEU E 109 -3.43 -10.80 23.75
CA LEU E 109 -2.14 -11.16 24.32
C LEU E 109 -2.12 -12.59 24.89
N GLU E 110 -2.98 -13.44 24.33
CA GLU E 110 -3.00 -14.86 24.69
C GLU E 110 -1.98 -15.63 23.87
N GLU E 111 -1.09 -16.35 24.56
CA GLU E 111 -0.01 -17.08 23.91
C GLU E 111 -0.54 -18.18 22.98
N LEU E 112 -0.52 -17.90 21.68
CA LEU E 112 -0.97 -18.86 20.68
C LEU E 112 0.11 -19.88 20.34
N TYR E 113 1.37 -19.46 20.34
CA TYR E 113 2.43 -20.40 20.00
C TYR E 113 3.76 -20.14 20.73
N ARG E 114 4.43 -21.23 21.09
CA ARG E 114 5.76 -21.15 21.68
C ARG E 114 6.65 -22.20 21.04
N GLY E 115 7.84 -21.80 20.60
CA GLY E 115 8.74 -22.73 19.95
C GLY E 115 10.20 -22.47 20.20
N LYS E 116 10.98 -23.54 20.34
CA LYS E 116 12.42 -23.42 20.53
C LYS E 116 13.16 -23.84 19.26
N PHE E 117 14.15 -23.04 18.88
CA PHE E 117 14.92 -23.30 17.67
C PHE E 117 16.41 -23.08 17.93
N GLU E 118 17.18 -24.17 17.93
CA GLU E 118 18.63 -24.10 18.15
C GLU E 118 19.28 -23.05 17.25
N ASN E 119 19.23 -23.29 15.95
CA ASN E 119 19.60 -22.28 14.97
C ASN E 119 18.37 -21.50 14.55
N LEU E 120 18.58 -20.26 14.11
CA LEU E 120 17.47 -19.42 13.69
C LEU E 120 17.94 -18.36 12.71
N ASN E 121 17.63 -18.58 11.43
CA ASN E 121 18.02 -17.63 10.40
C ASN E 121 17.01 -16.50 10.25
N LYS E 122 15.73 -16.83 10.22
CA LYS E 122 14.71 -15.81 9.94
C LYS E 122 13.34 -16.09 10.53
N VAL E 123 12.58 -15.02 10.75
CA VAL E 123 11.16 -15.11 11.08
C VAL E 123 10.41 -14.07 10.26
N LEU E 124 9.49 -14.52 9.42
CA LEU E 124 8.72 -13.63 8.55
C LEU E 124 7.24 -13.64 8.91
N VAL E 125 6.60 -12.48 8.82
CA VAL E 125 5.18 -12.37 9.14
C VAL E 125 4.42 -11.66 8.03
N ARG E 126 3.30 -12.25 7.61
CA ARG E 126 2.42 -11.65 6.62
C ARG E 126 0.99 -12.09 6.84
N ASN E 127 0.15 -11.16 7.31
CA ASN E 127 -1.26 -11.44 7.59
C ASN E 127 -1.46 -12.48 8.69
N ASP E 128 -1.96 -13.65 8.31
CA ASP E 128 -2.23 -14.72 9.27
C ASP E 128 -1.04 -15.64 9.44
N LEU E 129 -0.01 -15.44 8.63
CA LEU E 129 1.08 -16.41 8.51
C LEU E 129 2.36 -16.00 9.23
N VAL E 130 3.00 -16.99 9.88
CA VAL E 130 4.33 -16.81 10.43
C VAL E 130 5.25 -17.92 9.92
N VAL E 131 6.36 -17.53 9.29
CA VAL E 131 7.31 -18.50 8.74
C VAL E 131 8.62 -18.46 9.52
N ILE E 132 9.08 -19.62 9.97
CA ILE E 132 10.29 -19.70 10.78
C ILE E 132 11.36 -20.52 10.06
N ILE E 133 12.55 -19.94 9.93
CA ILE E 133 13.62 -20.53 9.13
C ILE E 133 14.91 -20.75 9.89
N ASP E 134 15.29 -22.03 10.02
CA ASP E 134 16.61 -22.43 10.45
C ASP E 134 17.35 -23.08 9.28
N GLU E 135 18.37 -23.89 9.56
CA GLU E 135 19.17 -24.50 8.51
C GLU E 135 18.86 -25.98 8.32
N GLN E 136 17.62 -26.39 8.60
CA GLN E 136 17.23 -27.78 8.45
C GLN E 136 15.78 -27.96 7.99
N LYS E 137 14.92 -27.04 8.39
CA LYS E 137 13.50 -27.14 8.03
C LYS E 137 12.83 -25.77 7.95
N LEU E 138 11.66 -25.74 7.33
CA LEU E 138 10.84 -24.54 7.29
C LEU E 138 9.60 -24.78 8.15
N THR E 139 9.36 -23.88 9.09
CA THR E 139 8.19 -24.00 9.96
C THR E 139 7.16 -22.92 9.68
N LEU E 140 5.96 -23.35 9.31
CA LEU E 140 4.85 -22.44 9.07
C LEU E 140 3.79 -22.57 10.16
N ILE E 141 3.34 -21.43 10.67
CA ILE E 141 2.33 -21.39 11.71
C ILE E 141 1.12 -20.55 11.28
N ARG E 142 -0.05 -21.17 11.25
CA ARG E 142 -1.27 -20.49 10.82
C ARG E 142 -2.12 -20.03 12.00
N THR E 143 -2.62 -18.81 11.93
CA THR E 143 -3.45 -18.25 12.99
C THR E 143 -4.91 -18.25 12.53
N SER F 2 1.42 46.79 -20.80
CA SER F 2 0.27 46.07 -20.26
C SER F 2 0.06 44.74 -20.97
N GLU F 3 0.03 43.66 -20.20
CA GLU F 3 -0.17 42.33 -20.78
C GLU F 3 -1.23 41.52 -20.02
N LEU F 4 -2.15 40.93 -20.76
CA LEU F 4 -3.16 40.03 -20.20
C LEU F 4 -3.02 38.60 -20.73
N LYS F 5 -2.74 37.66 -19.82
CA LYS F 5 -2.72 36.24 -20.17
C LYS F 5 -3.98 35.58 -19.62
N LEU F 6 -4.87 35.21 -20.54
CA LEU F 6 -6.21 34.70 -20.22
C LEU F 6 -6.37 33.22 -20.60
N LYS F 7 -7.26 32.55 -19.88
CA LYS F 7 -7.54 31.13 -20.09
C LYS F 7 -9.02 30.85 -20.18
N PRO F 8 -9.45 30.29 -21.31
CA PRO F 8 -10.87 29.99 -21.44
C PRO F 8 -11.29 28.83 -20.54
N LEU F 9 -12.49 28.94 -19.97
CA LEU F 9 -13.03 27.93 -19.09
C LEU F 9 -14.42 27.44 -19.54
N PRO F 10 -14.47 26.26 -20.18
CA PRO F 10 -13.27 25.49 -20.57
C PRO F 10 -13.00 25.66 -22.05
N LYS F 11 -13.76 26.52 -22.71
CA LYS F 11 -13.68 26.65 -24.15
C LYS F 11 -14.25 27.98 -24.64
N VAL F 12 -13.87 28.36 -25.86
CA VAL F 12 -14.38 29.57 -26.47
C VAL F 12 -14.57 29.42 -27.98
N GLU F 13 -15.77 29.75 -28.46
CA GLU F 13 -16.01 29.83 -29.90
C GLU F 13 -15.43 31.15 -30.39
N LEU F 14 -14.54 31.08 -31.37
CA LEU F 14 -13.75 32.24 -31.75
C LEU F 14 -14.26 32.96 -33.00
N PRO F 15 -14.57 34.26 -32.85
CA PRO F 15 -14.97 35.14 -33.95
C PRO F 15 -13.75 35.78 -34.61
N PRO F 16 -13.91 36.27 -35.84
CA PRO F 16 -12.82 37.00 -36.52
C PRO F 16 -12.35 38.19 -35.69
N ASP F 17 -11.05 38.45 -35.71
CA ASP F 17 -10.46 39.56 -34.95
C ASP F 17 -10.87 39.53 -33.48
N PHE F 18 -10.66 38.36 -32.87
CA PHE F 18 -11.10 38.11 -31.50
C PHE F 18 -10.38 39.00 -30.48
N VAL F 19 -9.19 39.46 -30.84
CA VAL F 19 -8.42 40.34 -29.98
C VAL F 19 -9.10 41.70 -29.82
N ASP F 20 -9.56 42.27 -30.94
CA ASP F 20 -10.31 43.53 -30.91
C ASP F 20 -11.59 43.36 -30.11
N VAL F 21 -12.23 42.20 -30.26
CA VAL F 21 -13.46 41.92 -29.54
C VAL F 21 -13.22 41.93 -28.03
N ILE F 22 -12.22 41.18 -27.58
CA ILE F 22 -11.86 41.15 -26.17
C ILE F 22 -11.49 42.53 -25.64
N ARG F 23 -10.72 43.27 -26.44
CA ARG F 23 -10.28 44.61 -26.06
C ARG F 23 -11.46 45.55 -25.86
N ILE F 24 -12.45 45.46 -26.75
CA ILE F 24 -13.64 46.28 -26.69
C ILE F 24 -14.54 45.89 -25.50
N LYS F 25 -14.64 44.59 -25.25
CA LYS F 25 -15.50 44.08 -24.18
C LYS F 25 -14.92 44.34 -22.79
N LEU F 26 -13.60 44.39 -22.70
CA LEU F 26 -12.92 44.64 -21.42
C LEU F 26 -12.57 46.12 -21.26
N GLN F 27 -13.17 46.95 -22.10
CA GLN F 27 -12.89 48.38 -22.10
C GLN F 27 -13.09 49.05 -20.74
N GLY F 28 -12.00 49.59 -20.19
CA GLY F 28 -12.07 50.38 -18.97
C GLY F 28 -12.13 49.58 -17.68
N LYS F 29 -12.00 48.26 -17.78
CA LYS F 29 -12.07 47.41 -16.59
C LYS F 29 -10.73 47.28 -15.88
N THR F 30 -10.79 47.07 -14.57
CA THR F 30 -9.61 46.83 -13.76
C THR F 30 -9.50 45.33 -13.50
N VAL F 31 -8.31 44.78 -13.69
CA VAL F 31 -8.13 43.33 -13.66
C VAL F 31 -6.93 42.94 -12.81
N ARG F 32 -7.11 41.94 -11.95
CA ARG F 32 -6.03 41.42 -11.12
C ARG F 32 -5.69 39.99 -11.50
N THR F 33 -4.44 39.60 -11.26
CA THR F 33 -4.00 38.24 -11.47
C THR F 33 -4.81 37.29 -10.58
N GLY F 34 -5.39 36.26 -11.17
CA GLY F 34 -6.15 35.29 -10.42
C GLY F 34 -7.66 35.46 -10.51
N ASP F 35 -8.08 36.59 -11.07
CA ASP F 35 -9.50 36.87 -11.25
C ASP F 35 -10.13 35.94 -12.29
N VAL F 36 -11.45 35.79 -12.20
CA VAL F 36 -12.21 35.06 -13.22
C VAL F 36 -13.31 35.97 -13.77
N ILE F 37 -13.31 36.18 -15.07
CA ILE F 37 -14.21 37.14 -15.68
C ILE F 37 -15.12 36.51 -16.74
N GLY F 38 -16.41 36.81 -16.65
CA GLY F 38 -17.36 36.37 -17.67
C GLY F 38 -17.52 37.42 -18.75
N ILE F 39 -17.38 37.01 -20.00
CA ILE F 39 -17.49 37.92 -21.14
C ILE F 39 -18.49 37.37 -22.14
N SER F 40 -19.45 38.20 -22.55
CA SER F 40 -20.43 37.76 -23.53
C SER F 40 -19.81 37.74 -24.93
N ILE F 41 -19.64 36.55 -25.48
CA ILE F 41 -19.07 36.39 -26.81
C ILE F 41 -19.99 35.55 -27.69
N LEU F 42 -20.33 36.09 -28.86
CA LEU F 42 -21.20 35.40 -29.81
C LEU F 42 -22.52 34.98 -29.18
N GLY F 43 -23.01 35.78 -28.24
CA GLY F 43 -24.28 35.54 -27.61
C GLY F 43 -24.24 34.57 -26.44
N LYS F 44 -23.04 34.14 -26.05
CA LYS F 44 -22.93 33.24 -24.91
C LYS F 44 -21.85 33.68 -23.91
N GLU F 45 -22.16 33.54 -22.63
CA GLU F 45 -21.22 33.92 -21.57
C GLU F 45 -20.04 32.97 -21.55
N VAL F 46 -18.83 33.52 -21.58
CA VAL F 46 -17.62 32.71 -21.56
C VAL F 46 -16.70 33.15 -20.44
N LYS F 47 -16.31 32.21 -19.59
CA LYS F 47 -15.45 32.52 -18.45
C LYS F 47 -13.96 32.45 -18.82
N PHE F 48 -13.19 33.40 -18.31
CA PHE F 48 -11.74 33.44 -18.53
C PHE F 48 -11.02 33.61 -17.20
N LYS F 49 -10.05 32.74 -16.93
CA LYS F 49 -9.16 32.94 -15.80
C LYS F 49 -8.04 33.90 -16.18
N VAL F 50 -7.89 34.99 -15.42
CA VAL F 50 -6.76 35.87 -15.64
C VAL F 50 -5.53 35.17 -15.08
N VAL F 51 -4.90 34.35 -15.93
CA VAL F 51 -3.70 33.62 -15.54
C VAL F 51 -2.60 34.59 -15.14
N GLN F 52 -2.47 35.68 -15.88
CA GLN F 52 -1.52 36.72 -15.48
C GLN F 52 -1.90 38.12 -15.93
N ALA F 53 -1.77 39.08 -15.03
CA ALA F 53 -1.90 40.49 -15.37
C ALA F 53 -0.57 41.19 -15.11
N TYR F 54 -0.05 41.86 -16.14
CA TYR F 54 1.21 42.56 -16.00
C TYR F 54 1.09 44.04 -16.38
N PRO F 55 1.14 44.93 -15.38
CA PRO F 55 1.30 44.62 -13.95
C PRO F 55 -0.03 44.23 -13.32
N SER F 56 -0.02 43.89 -12.05
CA SER F 56 -1.25 43.57 -11.32
C SER F 56 -1.38 44.43 -10.08
N PRO F 57 -2.50 45.20 -9.97
CA PRO F 57 -3.62 45.20 -10.90
C PRO F 57 -3.36 45.99 -12.19
N LEU F 58 -4.30 45.90 -13.13
CA LEU F 58 -4.12 46.49 -14.45
C LEU F 58 -5.43 47.04 -15.01
N ARG F 59 -5.35 48.18 -15.67
CA ARG F 59 -6.52 48.78 -16.31
C ARG F 59 -6.45 48.56 -17.81
N VAL F 60 -7.39 47.78 -18.34
CA VAL F 60 -7.41 47.40 -19.75
C VAL F 60 -7.49 48.59 -20.69
N GLU F 61 -6.46 48.76 -21.51
CA GLU F 61 -6.40 49.83 -22.50
C GLU F 61 -6.13 49.27 -23.89
N ASP F 62 -6.07 50.16 -24.89
CA ASP F 62 -5.80 49.78 -26.27
C ASP F 62 -4.37 49.27 -26.47
N ARG F 63 -3.50 49.62 -25.53
CA ARG F 63 -2.08 49.29 -25.62
C ARG F 63 -1.81 47.91 -25.00
N THR F 64 -2.80 47.38 -24.31
CA THR F 64 -2.66 46.10 -23.63
C THR F 64 -2.51 44.91 -24.60
N LYS F 65 -1.42 44.16 -24.45
CA LYS F 65 -1.18 42.97 -25.24
C LYS F 65 -1.87 41.75 -24.63
N ILE F 66 -2.68 41.06 -25.44
CA ILE F 66 -3.45 39.92 -24.94
C ILE F 66 -3.10 38.59 -25.62
N THR F 67 -2.84 37.57 -24.81
CA THR F 67 -2.54 36.23 -25.31
C THR F 67 -3.40 35.18 -24.62
N LEU F 68 -3.63 34.06 -25.30
CA LEU F 68 -4.42 32.96 -24.75
C LEU F 68 -3.56 31.86 -24.16
N VAL F 69 -3.92 31.40 -22.97
CA VAL F 69 -3.27 30.27 -22.32
C VAL F 69 -4.08 29.02 -22.65
N THR F 70 -3.39 27.93 -22.99
CA THR F 70 -4.09 26.74 -23.50
C THR F 70 -3.97 25.47 -22.66
N HIS F 71 -3.21 25.52 -21.56
CA HIS F 71 -3.05 24.31 -20.75
C HIS F 71 -4.29 23.96 -19.93
N PRO F 72 -4.73 22.69 -20.01
CA PRO F 72 -5.90 22.18 -19.28
C PRO F 72 -5.54 21.87 -17.83
N VAL F 73 -4.99 22.88 -17.15
CA VAL F 73 -4.42 22.68 -15.83
C VAL F 73 -4.43 24.01 -15.10
N ASP F 74 -4.68 23.97 -13.79
CA ASP F 74 -4.65 25.18 -12.98
C ASP F 74 -3.28 25.36 -12.33
N VAL F 75 -2.65 26.49 -12.61
CA VAL F 75 -1.34 26.80 -12.05
C VAL F 75 -1.47 27.82 -10.93
N LEU F 76 -1.02 27.44 -9.74
CA LEU F 76 -1.13 28.29 -8.57
C LEU F 76 0.24 28.51 -7.97
N GLU F 77 0.52 29.74 -7.56
CA GLU F 77 1.84 30.10 -7.04
C GLU F 77 1.74 30.72 -5.64
N ALA F 78 2.76 30.47 -4.83
CA ALA F 78 2.83 31.04 -3.49
C ALA F 78 4.28 31.36 -3.12
N LYS F 79 4.57 32.64 -2.90
CA LYS F 79 5.92 33.06 -2.53
C LYS F 79 6.24 32.69 -1.09
N ILE F 80 7.22 31.83 -0.90
CA ILE F 80 7.65 31.42 0.43
C ILE F 80 9.18 31.44 0.53
N LYS F 81 9.70 32.28 1.42
CA LYS F 81 11.15 32.40 1.58
C LYS F 81 11.74 31.23 2.35
N GLY F 82 12.70 30.55 1.73
CA GLY F 82 13.42 29.47 2.39
C GLY F 82 12.55 28.29 2.80
N ILE F 83 12.14 27.49 1.81
CA ILE F 83 11.35 26.30 2.07
C ILE F 83 12.25 25.15 2.50
N LYS F 84 12.08 24.71 3.75
CA LYS F 84 12.90 23.65 4.31
C LYS F 84 12.43 22.26 3.88
N ASP F 85 11.12 22.06 3.90
CA ASP F 85 10.54 20.76 3.54
C ASP F 85 9.07 20.90 3.18
N VAL F 86 8.61 20.03 2.28
CA VAL F 86 7.22 20.01 1.88
C VAL F 86 6.68 18.58 2.01
N ILE F 87 5.54 18.45 2.68
CA ILE F 87 4.90 17.14 2.81
C ILE F 87 3.60 17.16 2.03
N LEU F 88 3.37 16.10 1.27
CA LEU F 88 2.25 16.07 0.34
C LEU F 88 1.31 14.90 0.59
N ASP F 89 0.04 15.19 0.87
CA ASP F 89 -0.97 14.15 1.03
C ASP F 89 -2.18 14.48 0.15
N GLU F 90 -3.29 13.79 0.38
CA GLU F 90 -4.51 13.97 -0.41
C GLU F 90 -5.10 15.38 -0.27
N ASN F 91 -5.09 16.12 -1.38
CA ASN F 91 -5.51 17.52 -1.41
C ASN F 91 -4.97 18.38 -0.26
N LEU F 92 -3.81 18.00 0.26
CA LEU F 92 -3.16 18.71 1.34
C LEU F 92 -1.70 19.02 1.01
N ILE F 93 -1.30 20.26 1.23
CA ILE F 93 0.08 20.66 1.02
C ILE F 93 0.62 21.30 2.29
N VAL F 94 1.58 20.64 2.92
CA VAL F 94 2.16 21.15 4.15
C VAL F 94 3.57 21.63 3.91
N VAL F 95 3.81 22.92 4.20
CA VAL F 95 5.10 23.54 3.98
C VAL F 95 5.72 23.98 5.30
N ILE F 96 6.99 23.64 5.49
CA ILE F 96 7.73 24.07 6.66
C ILE F 96 8.90 24.94 6.22
N THR F 97 9.00 26.14 6.79
CA THR F 97 10.06 27.06 6.41
C THR F 97 11.30 26.83 7.26
N GLU F 98 12.40 27.49 6.89
CA GLU F 98 13.66 27.29 7.59
C GLU F 98 13.63 27.90 8.98
N GLU F 99 12.74 28.88 9.18
CA GLU F 99 12.59 29.50 10.49
C GLU F 99 11.34 28.98 11.22
N ASN F 100 11.05 27.71 11.01
CA ASN F 100 9.99 27.00 11.74
C ASN F 100 8.56 27.55 11.61
N GLU F 101 8.20 28.01 10.41
CA GLU F 101 6.81 28.40 10.15
C GLU F 101 6.10 27.29 9.40
N VAL F 102 4.91 26.93 9.87
CA VAL F 102 4.14 25.86 9.25
C VAL F 102 2.92 26.40 8.51
N LEU F 103 2.81 26.05 7.23
CA LEU F 103 1.69 26.50 6.41
C LEU F 103 0.95 25.31 5.79
N ILE F 104 -0.38 25.39 5.78
CA ILE F 104 -1.20 24.30 5.25
C ILE F 104 -2.16 24.82 4.18
N PHE F 105 -2.01 24.28 2.97
CA PHE F 105 -2.78 24.66 1.80
C PHE F 105 -3.65 23.49 1.31
N ASN F 106 -4.73 23.81 0.60
CA ASN F 106 -5.55 22.80 -0.06
C ASN F 106 -5.18 22.68 -1.54
N GLN F 107 -6.03 22.01 -2.33
CA GLN F 107 -5.74 21.80 -3.74
C GLN F 107 -5.78 23.09 -4.54
N ASN F 108 -6.44 24.11 -3.99
CA ASN F 108 -6.56 25.40 -4.66
C ASN F 108 -5.56 26.42 -4.13
N LEU F 109 -4.59 25.93 -3.36
CA LEU F 109 -3.53 26.75 -2.77
C LEU F 109 -4.06 27.88 -1.88
N GLU F 110 -5.23 27.67 -1.30
CA GLU F 110 -5.77 28.62 -0.33
C GLU F 110 -5.17 28.32 1.03
N GLU F 111 -4.57 29.33 1.65
CA GLU F 111 -3.90 29.16 2.93
C GLU F 111 -4.90 28.78 4.02
N LEU F 112 -4.93 27.49 4.35
CA LEU F 112 -5.84 27.00 5.38
C LEU F 112 -5.27 27.25 6.76
N TYR F 113 -3.96 27.15 6.90
CA TYR F 113 -3.37 27.36 8.23
C TYR F 113 -1.97 27.98 8.21
N ARG F 114 -1.71 28.86 9.17
CA ARG F 114 -0.38 29.45 9.35
C ARG F 114 -0.01 29.46 10.82
N GLY F 115 1.19 28.97 11.13
CA GLY F 115 1.62 28.91 12.52
C GLY F 115 3.10 29.12 12.77
N LYS F 116 3.40 29.80 13.86
CA LYS F 116 4.78 30.01 14.30
C LYS F 116 5.05 29.19 15.57
N PHE F 117 6.19 28.53 15.61
CA PHE F 117 6.56 27.71 16.76
C PHE F 117 8.01 27.93 17.15
N GLU F 118 8.21 28.56 18.31
CA GLU F 118 9.56 28.87 18.83
C GLU F 118 10.44 27.61 18.80
N ASN F 119 10.04 26.61 19.57
CA ASN F 119 10.64 25.30 19.45
C ASN F 119 9.82 24.51 18.44
N LEU F 120 10.45 23.55 17.76
CA LEU F 120 9.74 22.74 16.78
C LEU F 120 10.47 21.43 16.55
N ASN F 121 9.94 20.35 17.11
CA ASN F 121 10.55 19.03 16.94
C ASN F 121 10.06 18.31 15.68
N LYS F 122 8.76 18.28 15.44
CA LYS F 122 8.23 17.47 14.33
C LYS F 122 6.93 17.96 13.71
N VAL F 123 6.70 17.56 12.47
CA VAL F 123 5.41 17.77 11.81
C VAL F 123 5.00 16.50 11.06
N LEU F 124 3.89 15.90 11.46
CA LEU F 124 3.42 14.66 10.85
C LEU F 124 2.08 14.84 10.13
N VAL F 125 1.91 14.14 9.03
CA VAL F 125 0.69 14.24 8.23
C VAL F 125 0.11 12.86 7.92
N ARG F 126 -1.19 12.72 8.13
CA ARG F 126 -1.90 11.49 7.75
C ARG F 126 -3.35 11.81 7.43
N ASN F 127 -3.69 11.75 6.14
CA ASN F 127 -5.04 12.03 5.66
C ASN F 127 -5.54 13.44 5.98
N ASP F 128 -6.51 13.53 6.88
CA ASP F 128 -7.13 14.82 7.24
C ASP F 128 -6.37 15.50 8.37
N LEU F 129 -5.44 14.78 8.97
CA LEU F 129 -4.81 15.22 10.21
C LEU F 129 -3.41 15.77 10.00
N VAL F 130 -3.11 16.87 10.70
CA VAL F 130 -1.74 17.38 10.76
C VAL F 130 -1.36 17.58 12.22
N VAL F 131 -0.25 16.96 12.64
CA VAL F 131 0.21 17.08 14.02
C VAL F 131 1.51 17.85 14.10
N ILE F 132 1.54 18.87 14.96
CA ILE F 132 2.70 19.71 15.14
C ILE F 132 3.24 19.56 16.56
N ILE F 133 4.55 19.29 16.65
CA ILE F 133 5.18 18.96 17.92
C ILE F 133 6.36 19.86 18.27
N ASP F 134 6.19 20.63 19.34
CA ASP F 134 7.28 21.36 19.96
C ASP F 134 7.60 20.75 21.32
N GLU F 135 8.26 21.52 22.19
CA GLU F 135 8.65 21.01 23.49
C GLU F 135 7.78 21.57 24.62
N GLN F 136 6.53 21.88 24.31
CA GLN F 136 5.62 22.40 25.32
C GLN F 136 4.17 21.96 25.09
N LYS F 137 3.78 21.78 23.83
CA LYS F 137 2.41 21.39 23.51
C LYS F 137 2.31 20.58 22.21
N LEU F 138 1.17 19.92 22.03
CA LEU F 138 0.86 19.21 20.80
C LEU F 138 -0.27 19.93 20.08
N THR F 139 -0.08 20.25 18.82
CA THR F 139 -1.12 20.91 18.05
C THR F 139 -1.71 19.99 16.98
N LEU F 140 -3.03 19.79 17.04
CA LEU F 140 -3.70 18.97 16.04
C LEU F 140 -4.56 19.84 15.13
N ILE F 141 -4.41 19.65 13.82
CA ILE F 141 -5.18 20.42 12.85
C ILE F 141 -5.96 19.49 11.93
N ARG F 142 -7.28 19.62 11.95
CA ARG F 142 -8.17 18.79 11.16
C ARG F 142 -8.62 19.52 9.90
N THR F 143 -8.57 18.84 8.77
CA THR F 143 -8.95 19.43 7.49
C THR F 143 -10.34 18.91 7.11
#